data_4XSN
# 
_entry.id   4XSN 
# 
_audit_conform.dict_name       mmcif_pdbx.dic 
_audit_conform.dict_version    5.391 
_audit_conform.dict_location   http://mmcif.pdb.org/dictionaries/ascii/mmcif_pdbx.dic 
# 
loop_
_database_2.database_id 
_database_2.database_code 
_database_2.pdbx_database_accession 
_database_2.pdbx_DOI 
PDB   4XSN         pdb_00004xsn 10.2210/pdb4xsn/pdb 
WWPDB D_1000206001 ?            ?                   
# 
loop_
_pdbx_audit_revision_history.ordinal 
_pdbx_audit_revision_history.data_content_type 
_pdbx_audit_revision_history.major_revision 
_pdbx_audit_revision_history.minor_revision 
_pdbx_audit_revision_history.revision_date 
1 'Structure model' 1 0 2016-02-03 
2 'Structure model' 1 1 2016-07-13 
3 'Structure model' 1 2 2017-09-13 
4 'Structure model' 1 3 2024-05-08 
# 
_pdbx_audit_revision_details.ordinal             1 
_pdbx_audit_revision_details.revision_ordinal    1 
_pdbx_audit_revision_details.data_content_type   'Structure model' 
_pdbx_audit_revision_details.provider            repository 
_pdbx_audit_revision_details.type                'Initial release' 
_pdbx_audit_revision_details.description         ? 
_pdbx_audit_revision_details.details             ? 
# 
loop_
_pdbx_audit_revision_group.ordinal 
_pdbx_audit_revision_group.revision_ordinal 
_pdbx_audit_revision_group.data_content_type 
_pdbx_audit_revision_group.group 
1 2 'Structure model' 'Database references'  
2 3 'Structure model' 'Data collection'      
3 4 'Structure model' 'Data collection'      
4 4 'Structure model' 'Database references'  
5 4 'Structure model' 'Derived calculations' 
# 
loop_
_pdbx_audit_revision_category.ordinal 
_pdbx_audit_revision_category.revision_ordinal 
_pdbx_audit_revision_category.data_content_type 
_pdbx_audit_revision_category.category 
1 3 'Structure model' diffrn_source          
2 4 'Structure model' chem_comp_atom         
3 4 'Structure model' chem_comp_bond         
4 4 'Structure model' database_2             
5 4 'Structure model' pdbx_struct_conn_angle 
6 4 'Structure model' struct_conn            
# 
loop_
_pdbx_audit_revision_item.ordinal 
_pdbx_audit_revision_item.revision_ordinal 
_pdbx_audit_revision_item.data_content_type 
_pdbx_audit_revision_item.item 
1  3 'Structure model' '_diffrn_source.source'                       
2  4 'Structure model' '_database_2.pdbx_DOI'                        
3  4 'Structure model' '_database_2.pdbx_database_accession'         
4  4 'Structure model' '_pdbx_struct_conn_angle.ptnr1_auth_comp_id'  
5  4 'Structure model' '_pdbx_struct_conn_angle.ptnr1_auth_seq_id'   
6  4 'Structure model' '_pdbx_struct_conn_angle.ptnr1_label_asym_id' 
7  4 'Structure model' '_pdbx_struct_conn_angle.ptnr1_label_atom_id' 
8  4 'Structure model' '_pdbx_struct_conn_angle.ptnr1_label_comp_id' 
9  4 'Structure model' '_pdbx_struct_conn_angle.ptnr1_label_seq_id'  
10 4 'Structure model' '_pdbx_struct_conn_angle.ptnr1_symmetry'      
11 4 'Structure model' '_pdbx_struct_conn_angle.ptnr2_symmetry'      
12 4 'Structure model' '_pdbx_struct_conn_angle.ptnr3_auth_comp_id'  
13 4 'Structure model' '_pdbx_struct_conn_angle.ptnr3_auth_seq_id'   
14 4 'Structure model' '_pdbx_struct_conn_angle.ptnr3_label_asym_id' 
15 4 'Structure model' '_pdbx_struct_conn_angle.ptnr3_label_atom_id' 
16 4 'Structure model' '_pdbx_struct_conn_angle.ptnr3_label_comp_id' 
17 4 'Structure model' '_pdbx_struct_conn_angle.ptnr3_label_seq_id'  
18 4 'Structure model' '_pdbx_struct_conn_angle.ptnr3_symmetry'      
19 4 'Structure model' '_pdbx_struct_conn_angle.value'               
20 4 'Structure model' '_struct_conn.pdbx_dist_value'                
21 4 'Structure model' '_struct_conn.ptnr1_auth_comp_id'             
22 4 'Structure model' '_struct_conn.ptnr1_auth_seq_id'              
23 4 'Structure model' '_struct_conn.ptnr1_label_asym_id'            
24 4 'Structure model' '_struct_conn.ptnr1_label_atom_id'            
25 4 'Structure model' '_struct_conn.ptnr1_label_comp_id'            
26 4 'Structure model' '_struct_conn.ptnr1_label_seq_id'             
27 4 'Structure model' '_struct_conn.ptnr2_auth_comp_id'             
28 4 'Structure model' '_struct_conn.ptnr2_auth_seq_id'              
29 4 'Structure model' '_struct_conn.ptnr2_label_asym_id'            
30 4 'Structure model' '_struct_conn.ptnr2_label_atom_id'            
31 4 'Structure model' '_struct_conn.ptnr2_label_comp_id'            
32 4 'Structure model' '_struct_conn.ptnr2_symmetry'                 
# 
_pdbx_database_status.status_code                     REL 
_pdbx_database_status.status_code_sf                  REL 
_pdbx_database_status.status_code_mr                  ? 
_pdbx_database_status.entry_id                        4XSN 
_pdbx_database_status.recvd_initial_deposition_date   2015-01-22 
_pdbx_database_status.SG_entry                        N 
_pdbx_database_status.deposit_site                    RCSB 
_pdbx_database_status.process_site                    PDBE 
_pdbx_database_status.status_code_cs                  ? 
_pdbx_database_status.methods_development_category    ? 
_pdbx_database_status.pdb_format_compatible           Y 
_pdbx_database_status.status_code_nmr_data            ? 
# 
loop_
_pdbx_database_related.content_type 
_pdbx_database_related.db_id 
_pdbx_database_related.db_name 
_pdbx_database_related.details 
unspecified 4XQY PDB . 
unspecified 4XQZ PDB . 
# 
loop_
_audit_author.name 
_audit_author.pdbx_ordinal 
'Rohner, M.'        1 
'Medina-Molner, A.' 2 
'Spingler, B.'      3 
# 
_citation.abstract                  ? 
_citation.abstract_id_CAS           ? 
_citation.book_id_ISBN              ? 
_citation.book_publisher            ? 
_citation.book_publisher_city       ? 
_citation.book_title                ? 
_citation.coordinate_linkage        ? 
_citation.country                   US 
_citation.database_id_Medline       ? 
_citation.details                   ? 
_citation.id                        primary 
_citation.journal_abbrev            Inorg.Chem. 
_citation.journal_id_ASTM           INOCAJ 
_citation.journal_id_CSD            0009 
_citation.journal_id_ISSN           0020-1669 
_citation.journal_full              ? 
_citation.journal_issue             ? 
_citation.journal_volume            55 
_citation.language                  ? 
_citation.page_first                6130 
_citation.page_last                 6140 
_citation.title                     'N,N,O and N,O,N Meridional cis Coordination of Two Guanines to Copper(II) by d(CGCGCG)2.' 
_citation.year                      2016 
_citation.database_id_CSD           ? 
_citation.pdbx_database_id_DOI      10.1021/acs.inorgchem.6b00672 
_citation.pdbx_database_id_PubMed   27266259 
_citation.unpublished_flag          ? 
# 
loop_
_citation_author.citation_id 
_citation_author.name 
_citation_author.ordinal 
_citation_author.identifier_ORCID 
primary 'Rohner, M.'        1 ? 
primary 'Medina-Molner, A.' 2 ? 
primary 'Spingler, B.'      3 ? 
# 
loop_
_entity.id 
_entity.type 
_entity.src_method 
_entity.pdbx_description 
_entity.formula_weight 
_entity.pdbx_number_of_molecules 
_entity.pdbx_ec 
_entity.pdbx_mutation 
_entity.pdbx_fragment 
_entity.details 
1 polymer     syn 
;DNA (5'-D(*CP*(BGM)P*CP*GP*CP*GP)-3')
;
1889.101 2  ? ? ? ? 
2 non-polymer syn 'COPPER (II) ION'                       63.546   1  ? ? ? ? 
3 water       nat water                                   18.015   98 ? ? ? ? 
# 
_entity_poly.entity_id                      1 
_entity_poly.type                           polydeoxyribonucleotide 
_entity_poly.nstd_linkage                   no 
_entity_poly.nstd_monomer                   yes 
_entity_poly.pdbx_seq_one_letter_code       '(DC)(BGM)(DC)(DG)(DC)(DG)' 
_entity_poly.pdbx_seq_one_letter_code_can   CGCGCG 
_entity_poly.pdbx_strand_id                 A,B 
_entity_poly.pdbx_target_identifier         ? 
# 
loop_
_pdbx_entity_nonpoly.entity_id 
_pdbx_entity_nonpoly.name 
_pdbx_entity_nonpoly.comp_id 
2 'COPPER (II) ION' CU  
3 water             HOH 
# 
loop_
_entity_poly_seq.entity_id 
_entity_poly_seq.num 
_entity_poly_seq.mon_id 
_entity_poly_seq.hetero 
1 1 DC  n 
1 2 BGM n 
1 3 DC  n 
1 4 DG  n 
1 5 DC  n 
1 6 DG  n 
# 
_pdbx_entity_src_syn.entity_id              1 
_pdbx_entity_src_syn.pdbx_src_id            1 
_pdbx_entity_src_syn.pdbx_alt_source_flag   sample 
_pdbx_entity_src_syn.pdbx_beg_seq_num       1 
_pdbx_entity_src_syn.pdbx_end_seq_num       6 
_pdbx_entity_src_syn.organism_scientific    'synthetic construct' 
_pdbx_entity_src_syn.organism_common_name   ? 
_pdbx_entity_src_syn.ncbi_taxonomy_id       32630 
_pdbx_entity_src_syn.details                ? 
# 
loop_
_chem_comp.id 
_chem_comp.type 
_chem_comp.mon_nstd_flag 
_chem_comp.name 
_chem_comp.pdbx_synonyms 
_chem_comp.formula 
_chem_comp.formula_weight 
BGM 'DNA linking' n "8-BROMO-2'-DEOXYGUANOSINE-5'-MONOPHOSPHATE" ? 'C10 H13 Br N5 O7 P' 426.117 
CU  non-polymer   . 'COPPER (II) ION'                            ? 'Cu 2'               63.546  
DC  'DNA linking' y "2'-DEOXYCYTIDINE-5'-MONOPHOSPHATE"          ? 'C9 H14 N3 O7 P'     307.197 
DG  'DNA linking' y "2'-DEOXYGUANOSINE-5'-MONOPHOSPHATE"         ? 'C10 H14 N5 O7 P'    347.221 
HOH non-polymer   . WATER                                        ? 'H2 O'               18.015  
# 
loop_
_pdbx_poly_seq_scheme.asym_id 
_pdbx_poly_seq_scheme.entity_id 
_pdbx_poly_seq_scheme.seq_id 
_pdbx_poly_seq_scheme.mon_id 
_pdbx_poly_seq_scheme.ndb_seq_num 
_pdbx_poly_seq_scheme.pdb_seq_num 
_pdbx_poly_seq_scheme.auth_seq_num 
_pdbx_poly_seq_scheme.pdb_mon_id 
_pdbx_poly_seq_scheme.auth_mon_id 
_pdbx_poly_seq_scheme.pdb_strand_id 
_pdbx_poly_seq_scheme.pdb_ins_code 
_pdbx_poly_seq_scheme.hetero 
A 1 1 DC  1 1 1 DC  DC  A . n 
A 1 2 BGM 2 2 2 BGM BGM A . n 
A 1 3 DC  3 3 3 DC  DC  A . n 
A 1 4 DG  4 4 4 DG  DG  A . n 
A 1 5 DC  5 5 5 DC  DC  A . n 
A 1 6 DG  6 6 6 DG  DG  A . n 
B 1 1 DC  1 1 1 DC  DC  B . n 
B 1 2 BGM 2 2 2 BGM BGM B . n 
B 1 3 DC  3 3 3 DC  DC  B . n 
B 1 4 DG  4 4 4 DG  DG  B . n 
B 1 5 DC  5 5 5 DC  DC  B . n 
B 1 6 DG  6 6 6 DG  DG  B . n 
# 
loop_
_pdbx_nonpoly_scheme.asym_id 
_pdbx_nonpoly_scheme.entity_id 
_pdbx_nonpoly_scheme.mon_id 
_pdbx_nonpoly_scheme.ndb_seq_num 
_pdbx_nonpoly_scheme.pdb_seq_num 
_pdbx_nonpoly_scheme.auth_seq_num 
_pdbx_nonpoly_scheme.pdb_mon_id 
_pdbx_nonpoly_scheme.auth_mon_id 
_pdbx_nonpoly_scheme.pdb_strand_id 
_pdbx_nonpoly_scheme.pdb_ins_code 
C 2 CU  1  101 1   CU  CU  B . 
D 3 HOH 1  101 168 HOH HOH A . 
D 3 HOH 2  102 164 HOH HOH A . 
D 3 HOH 3  103 172 HOH HOH A . 
D 3 HOH 4  104 166 HOH HOH A . 
D 3 HOH 5  105 130 HOH HOH A . 
D 3 HOH 6  106 134 HOH HOH A . 
D 3 HOH 7  107 144 HOH HOH A . 
D 3 HOH 8  108 162 HOH HOH A . 
D 3 HOH 9  109 176 HOH HOH A . 
D 3 HOH 10 110 106 HOH HOH A . 
D 3 HOH 11 111 160 HOH HOH A . 
D 3 HOH 12 112 187 HOH HOH A . 
D 3 HOH 13 113 109 HOH HOH A . 
D 3 HOH 14 114 107 HOH HOH A . 
D 3 HOH 15 115 120 HOH HOH A . 
D 3 HOH 16 116 127 HOH HOH A . 
D 3 HOH 17 117 192 HOH HOH A . 
D 3 HOH 18 118 112 HOH HOH A . 
D 3 HOH 19 119 104 HOH HOH A . 
D 3 HOH 20 120 159 HOH HOH A . 
D 3 HOH 21 121 105 HOH HOH A . 
D 3 HOH 22 122 108 HOH HOH A . 
D 3 HOH 23 123 114 HOH HOH A . 
D 3 HOH 24 124 118 HOH HOH A . 
D 3 HOH 25 125 126 HOH HOH A . 
D 3 HOH 26 126 177 HOH HOH A . 
D 3 HOH 27 127 157 HOH HOH A . 
D 3 HOH 28 128 116 HOH HOH A . 
D 3 HOH 29 129 163 HOH HOH A . 
D 3 HOH 30 130 156 HOH HOH A . 
D 3 HOH 31 131 178 HOH HOH A . 
D 3 HOH 32 132 195 HOH HOH A . 
D 3 HOH 33 133 165 HOH HOH A . 
D 3 HOH 34 134 190 HOH HOH A . 
D 3 HOH 35 135 139 HOH HOH A . 
D 3 HOH 36 136 196 HOH HOH A . 
D 3 HOH 37 137 198 HOH HOH A . 
D 3 HOH 38 138 182 HOH HOH A . 
D 3 HOH 39 139 175 HOH HOH A . 
D 3 HOH 40 140 194 HOH HOH A . 
D 3 HOH 41 141 140 HOH HOH A . 
D 3 HOH 42 142 122 HOH HOH A . 
D 3 HOH 43 143 128 HOH HOH A . 
D 3 HOH 44 144 129 HOH HOH A . 
D 3 HOH 45 145 131 HOH HOH A . 
D 3 HOH 46 146 145 HOH HOH A . 
D 3 HOH 47 147 146 HOH HOH A . 
D 3 HOH 48 148 151 HOH HOH A . 
D 3 HOH 49 149 153 HOH HOH A . 
D 3 HOH 50 150 179 HOH HOH A . 
D 3 HOH 51 151 185 HOH HOH A . 
E 3 HOH 1  201 110 HOH HOH B . 
E 3 HOH 2  202 188 HOH HOH B . 
E 3 HOH 3  203 189 HOH HOH B . 
E 3 HOH 4  204 135 HOH HOH B . 
E 3 HOH 5  205 117 HOH HOH B . 
E 3 HOH 6  206 124 HOH HOH B . 
E 3 HOH 7  207 111 HOH HOH B . 
E 3 HOH 8  208 102 HOH HOH B . 
E 3 HOH 9  209 137 HOH HOH B . 
E 3 HOH 10 210 115 HOH HOH B . 
E 3 HOH 11 211 100 HOH HOH B . 
E 3 HOH 12 212 138 HOH HOH B . 
E 3 HOH 13 213 101 HOH HOH B . 
E 3 HOH 14 214 136 HOH HOH B . 
E 3 HOH 15 215 197 HOH HOH B . 
E 3 HOH 16 216 171 HOH HOH B . 
E 3 HOH 17 217 147 HOH HOH B . 
E 3 HOH 18 218 161 HOH HOH B . 
E 3 HOH 19 219 148 HOH HOH B . 
E 3 HOH 20 220 186 HOH HOH B . 
E 3 HOH 21 221 155 HOH HOH B . 
E 3 HOH 22 222 193 HOH HOH B . 
E 3 HOH 23 223 167 HOH HOH B . 
E 3 HOH 24 224 141 HOH HOH B . 
E 3 HOH 25 225 158 HOH HOH B . 
E 3 HOH 26 226 149 HOH HOH B . 
E 3 HOH 27 227 119 HOH HOH B . 
E 3 HOH 28 228 121 HOH HOH B . 
E 3 HOH 29 229 133 HOH HOH B . 
E 3 HOH 30 230 173 HOH HOH B . 
E 3 HOH 31 231 181 HOH HOH B . 
E 3 HOH 32 232 125 HOH HOH B . 
E 3 HOH 33 233 170 HOH HOH B . 
E 3 HOH 34 234 180 HOH HOH B . 
E 3 HOH 35 235 183 HOH HOH B . 
E 3 HOH 36 236 154 HOH HOH B . 
E 3 HOH 37 237 174 HOH HOH B . 
E 3 HOH 38 238 123 HOH HOH B . 
E 3 HOH 39 239 103 HOH HOH B . 
E 3 HOH 40 240 113 HOH HOH B . 
E 3 HOH 41 241 132 HOH HOH B . 
E 3 HOH 42 242 142 HOH HOH B . 
E 3 HOH 43 243 143 HOH HOH B . 
E 3 HOH 44 244 152 HOH HOH B . 
E 3 HOH 45 245 169 HOH HOH B . 
E 3 HOH 46 246 184 HOH HOH B . 
E 3 HOH 47 247 199 HOH HOH B . 
# 
loop_
_software.citation_id 
_software.classification 
_software.compiler_name 
_software.compiler_version 
_software.contact_author 
_software.contact_author_email 
_software.date 
_software.description 
_software.dependencies 
_software.hardware 
_software.language 
_software.location 
_software.mods 
_software.name 
_software.os 
_software.os_version 
_software.type 
_software.version 
_software.pdbx_ordinal 
? phasing          ? ? ? ? ? ? ? ? ? ? ? SHELX     ? ? ? . 1 
? 'data reduction' ? ? ? ? ? ? ? ? ? ? ? X-Area    ? ? ? . 2 
? 'data scaling'   ? ? ? ? ? ? ? ? ? ? ? XSCALE    ? ? ? . 3 
? refinement       ? ? ? ? ? ? ? ? ? ? ? SHELXL-97 ? ? ? . 4 
# 
_cell.angle_alpha                  90.00 
_cell.angle_alpha_esd              ? 
_cell.angle_beta                   90.00 
_cell.angle_beta_esd               ? 
_cell.angle_gamma                  90.00 
_cell.angle_gamma_esd              ? 
_cell.entry_id                     4XSN 
_cell.details                      ? 
_cell.formula_units_Z              ? 
_cell.length_a                     18.799 
_cell.length_a_esd                 ? 
_cell.length_b                     29.077 
_cell.length_b_esd                 ? 
_cell.length_c                     43.278 
_cell.length_c_esd                 ? 
_cell.volume                       ? 
_cell.volume_esd                   ? 
_cell.Z_PDB                        8 
_cell.reciprocal_angle_alpha       ? 
_cell.reciprocal_angle_beta        ? 
_cell.reciprocal_angle_gamma       ? 
_cell.reciprocal_angle_alpha_esd   ? 
_cell.reciprocal_angle_beta_esd    ? 
_cell.reciprocal_angle_gamma_esd   ? 
_cell.reciprocal_length_a          ? 
_cell.reciprocal_length_b          ? 
_cell.reciprocal_length_c          ? 
_cell.reciprocal_length_a_esd      ? 
_cell.reciprocal_length_b_esd      ? 
_cell.reciprocal_length_c_esd      ? 
_cell.pdbx_unique_axis             ? 
# 
_symmetry.entry_id                         4XSN 
_symmetry.cell_setting                     ? 
_symmetry.Int_Tables_number                19 
_symmetry.space_group_name_Hall            ? 
_symmetry.space_group_name_H-M             'P 21 21 21' 
_symmetry.pdbx_full_space_group_name_H-M   ? 
# 
_exptl.absorpt_coefficient_mu     ? 
_exptl.absorpt_correction_T_max   ? 
_exptl.absorpt_correction_T_min   ? 
_exptl.absorpt_correction_type    ? 
_exptl.absorpt_process_details    ? 
_exptl.entry_id                   4XSN 
_exptl.crystals_number            ? 
_exptl.details                    ? 
_exptl.method                     'X-RAY DIFFRACTION' 
_exptl.method_details             ? 
# 
_exptl_crystal.colour                      ? 
_exptl_crystal.density_diffrn              ? 
_exptl_crystal.density_Matthews            1.59 
_exptl_crystal.density_method              ? 
_exptl_crystal.density_percent_sol         47.66 
_exptl_crystal.description                 ? 
_exptl_crystal.F_000                       ? 
_exptl_crystal.id                          1 
_exptl_crystal.preparation                 ? 
_exptl_crystal.size_max                    ? 
_exptl_crystal.size_mid                    ? 
_exptl_crystal.size_min                    ? 
_exptl_crystal.size_rad                    ? 
_exptl_crystal.colour_lustre               ? 
_exptl_crystal.colour_modifier             ? 
_exptl_crystal.colour_primary              ? 
_exptl_crystal.density_meas                ? 
_exptl_crystal.density_meas_esd            ? 
_exptl_crystal.density_meas_gt             ? 
_exptl_crystal.density_meas_lt             ? 
_exptl_crystal.density_meas_temp           ? 
_exptl_crystal.density_meas_temp_esd       ? 
_exptl_crystal.density_meas_temp_gt        ? 
_exptl_crystal.density_meas_temp_lt        ? 
_exptl_crystal.pdbx_crystal_image_url      ? 
_exptl_crystal.pdbx_crystal_image_format   ? 
_exptl_crystal.pdbx_mosaicity              ? 
_exptl_crystal.pdbx_mosaicity_esd          ? 
# 
_exptl_crystal_grow.apparatus       ? 
_exptl_crystal_grow.atmosphere      ? 
_exptl_crystal_grow.crystal_id      1 
_exptl_crystal_grow.details         ? 
_exptl_crystal_grow.method          'VAPOR DIFFUSION, HANGING DROP' 
_exptl_crystal_grow.method_ref      ? 
_exptl_crystal_grow.pH              7 
_exptl_crystal_grow.pressure        ? 
_exptl_crystal_grow.pressure_esd    ? 
_exptl_crystal_grow.seeding         ? 
_exptl_crystal_grow.seeding_ref     ? 
_exptl_crystal_grow.temp            296 
_exptl_crystal_grow.temp_details    ? 
_exptl_crystal_grow.temp_esd        ? 
_exptl_crystal_grow.time            ? 
_exptl_crystal_grow.pdbx_details    'cacodylate, MPD, calcium lactate, potassium chloride' 
_exptl_crystal_grow.pdbx_pH_range   ? 
# 
_diffrn.ambient_environment    ? 
_diffrn.ambient_temp           183 
_diffrn.ambient_temp_details   ? 
_diffrn.ambient_temp_esd       ? 
_diffrn.crystal_id             1 
_diffrn.crystal_support        ? 
_diffrn.crystal_treatment      ? 
_diffrn.details                ? 
_diffrn.id                     1 
_diffrn.ambient_pressure       ? 
_diffrn.ambient_pressure_esd   ? 
_diffrn.ambient_pressure_gt    ? 
_diffrn.ambient_pressure_lt    ? 
_diffrn.ambient_temp_gt        ? 
_diffrn.ambient_temp_lt        ? 
# 
_diffrn_detector.details                      ? 
_diffrn_detector.detector                     'IMAGE PLATE' 
_diffrn_detector.diffrn_id                    1 
_diffrn_detector.type                         STOE 
_diffrn_detector.area_resol_mean              ? 
_diffrn_detector.dtime                        ? 
_diffrn_detector.pdbx_frames_total            ? 
_diffrn_detector.pdbx_collection_time_total   ? 
_diffrn_detector.pdbx_collection_date         2005-12-20 
# 
_diffrn_radiation.collimation                      ? 
_diffrn_radiation.diffrn_id                        1 
_diffrn_radiation.filter_edge                      ? 
_diffrn_radiation.inhomogeneity                    ? 
_diffrn_radiation.monochromator                    graphite 
_diffrn_radiation.polarisn_norm                    ? 
_diffrn_radiation.polarisn_ratio                   ? 
_diffrn_radiation.probe                            ? 
_diffrn_radiation.type                             ? 
_diffrn_radiation.xray_symbol                      ? 
_diffrn_radiation.wavelength_id                    1 
_diffrn_radiation.pdbx_monochromatic_or_laue_m_l   M 
_diffrn_radiation.pdbx_wavelength_list             ? 
_diffrn_radiation.pdbx_wavelength                  ? 
_diffrn_radiation.pdbx_diffrn_protocol             'SINGLE WAVELENGTH' 
_diffrn_radiation.pdbx_analyzer                    ? 
_diffrn_radiation.pdbx_scattering_type             x-ray 
# 
_diffrn_radiation_wavelength.id           1 
_diffrn_radiation_wavelength.wavelength   1.54 
_diffrn_radiation_wavelength.wt           1.0 
# 
_diffrn_source.current                     ? 
_diffrn_source.details                     ? 
_diffrn_source.diffrn_id                   1 
_diffrn_source.power                       ? 
_diffrn_source.size                        ? 
_diffrn_source.source                      'ROTATING ANODE' 
_diffrn_source.target                      ? 
_diffrn_source.type                        'Cu FINE FOCUS' 
_diffrn_source.voltage                     ? 
_diffrn_source.take-off_angle              ? 
_diffrn_source.pdbx_wavelength_list        1.54 
_diffrn_source.pdbx_wavelength             ? 
_diffrn_source.pdbx_synchrotron_beamline   ? 
_diffrn_source.pdbx_synchrotron_site       ? 
# 
_reflns.B_iso_Wilson_estimate            ? 
_reflns.entry_id                         4XSN 
_reflns.data_reduction_details           ? 
_reflns.data_reduction_method            ? 
_reflns.d_resolution_high                1.452 
_reflns.d_resolution_low                 17.359 
_reflns.details                          ? 
_reflns.limit_h_max                      ? 
_reflns.limit_h_min                      ? 
_reflns.limit_k_max                      ? 
_reflns.limit_k_min                      ? 
_reflns.limit_l_max                      ? 
_reflns.limit_l_min                      ? 
_reflns.number_all                       ? 
_reflns.number_obs                       7657 
_reflns.observed_criterion               ? 
_reflns.observed_criterion_F_max         ? 
_reflns.observed_criterion_F_min         ? 
_reflns.observed_criterion_I_max         ? 
_reflns.observed_criterion_I_min         ? 
_reflns.observed_criterion_sigma_F       4 
_reflns.observed_criterion_sigma_I       ? 
_reflns.percent_possible_obs             100 
_reflns.R_free_details                   ? 
_reflns.Rmerge_F_all                     ? 
_reflns.Rmerge_F_obs                     ? 
_reflns.Friedel_coverage                 ? 
_reflns.number_gt                        ? 
_reflns.threshold_expression             ? 
_reflns.pdbx_redundancy                  1 
_reflns.pdbx_Rmerge_I_obs                0.0526 
_reflns.pdbx_Rmerge_I_all                ? 
_reflns.pdbx_Rsym_value                  ? 
_reflns.pdbx_netI_over_av_sigmaI         ? 
_reflns.pdbx_netI_over_sigmaI            14.46 
_reflns.pdbx_res_netI_over_av_sigmaI_2   ? 
_reflns.pdbx_res_netI_over_sigmaI_2      ? 
_reflns.pdbx_chi_squared                 ? 
_reflns.pdbx_scaling_rejects             ? 
_reflns.pdbx_d_res_high_opt              ? 
_reflns.pdbx_d_res_low_opt               ? 
_reflns.pdbx_d_res_opt_method            ? 
_reflns.phase_calculation_details        ? 
_reflns.pdbx_Rrim_I_all                  ? 
_reflns.pdbx_Rpim_I_all                  ? 
_reflns.pdbx_d_opt                       ? 
_reflns.pdbx_number_measured_all         ? 
_reflns.pdbx_diffrn_id                   1 
_reflns.pdbx_ordinal                     1 
_reflns.pdbx_CC_half                     ? 
_reflns.pdbx_R_split                     ? 
# 
_reflns_shell.Rmerge_F_all                ? 
_reflns_shell.Rmerge_F_gt                 ? 
_reflns_shell.Rmerge_F_obs                ? 
_reflns_shell.Rmerge_I_all                ? 
_reflns_shell.Rmerge_I_gt                 ? 
_reflns_shell.Rmerge_I_obs                0.3264 
_reflns_shell.d_res_high                  1.45 
_reflns_shell.d_res_low                   1.55 
_reflns_shell.meanI_over_sigI_all         ? 
_reflns_shell.meanI_over_sigI_gt          ? 
_reflns_shell.meanI_over_sigI_obs         4.3 
_reflns_shell.meanI_over_uI_all           ? 
_reflns_shell.meanI_over_uI_gt            ? 
_reflns_shell.number_measured_all         ? 
_reflns_shell.number_measured_gt          ? 
_reflns_shell.number_measured_obs         ? 
_reflns_shell.number_possible             ? 
_reflns_shell.number_unique_all           ? 
_reflns_shell.number_unique_gt            ? 
_reflns_shell.number_unique_obs           ? 
_reflns_shell.pdbx_CC_half                ? 
_reflns_shell.pdbx_R_split                ? 
_reflns_shell.pdbx_Rpim_I_all             ? 
_reflns_shell.pdbx_Rrim_I_all             ? 
_reflns_shell.pdbx_Rsym_value             ? 
_reflns_shell.pdbx_chi_squared            ? 
_reflns_shell.pdbx_diffrn_id              1 
_reflns_shell.pdbx_netI_over_sigmaI_all   ? 
_reflns_shell.pdbx_netI_over_sigmaI_obs   ? 
_reflns_shell.pdbx_ordinal                1 
_reflns_shell.pdbx_redundancy             4.3 
_reflns_shell.pdbx_rejects                ? 
_reflns_shell.percent_possible_all        87.9 
_reflns_shell.percent_possible_gt         ? 
_reflns_shell.percent_possible_obs        ? 
# 
_refine.aniso_B[1][1]                            ? 
_refine.aniso_B[1][2]                            ? 
_refine.aniso_B[1][3]                            ? 
_refine.aniso_B[2][2]                            ? 
_refine.aniso_B[2][3]                            ? 
_refine.aniso_B[3][3]                            ? 
_refine.B_iso_max                                ? 
_refine.B_iso_mean                               ? 
_refine.B_iso_min                                ? 
_refine.correlation_coeff_Fo_to_Fc               ? 
_refine.correlation_coeff_Fo_to_Fc_free          ? 
_refine.details                                  'ANISOTROPIC REFINEMENT REDUCED FREE R (NO CUTOFF) BY ?' 
_refine.diff_density_max                         ? 
_refine.diff_density_max_esd                     ? 
_refine.diff_density_min                         ? 
_refine.diff_density_min_esd                     ? 
_refine.diff_density_rms                         ? 
_refine.diff_density_rms_esd                     ? 
_refine.entry_id                                 4XSN 
_refine.pdbx_refine_id                           'X-RAY DIFFRACTION' 
_refine.ls_abs_structure_details                 ? 
_refine.ls_abs_structure_Flack                   ? 
_refine.ls_abs_structure_Flack_esd               ? 
_refine.ls_abs_structure_Rogers                  ? 
_refine.ls_abs_structure_Rogers_esd              ? 
_refine.ls_d_res_high                            1.452 
_refine.ls_d_res_low                             17.359 
_refine.ls_extinction_coef                       ? 
_refine.ls_extinction_coef_esd                   ? 
_refine.ls_extinction_expression                 ? 
_refine.ls_extinction_method                     ? 
_refine.ls_goodness_of_fit_all                   ? 
_refine.ls_goodness_of_fit_all_esd               ? 
_refine.ls_goodness_of_fit_obs                   ? 
_refine.ls_goodness_of_fit_obs_esd               ? 
_refine.ls_hydrogen_treatment                    ? 
_refine.ls_matrix_type                           ? 
_refine.ls_number_constraints                    ? 
_refine.ls_number_parameters                     2609 
_refine.ls_number_reflns_all                     7657 
_refine.ls_number_reflns_obs                     7657 
_refine.ls_number_reflns_R_free                  378 
_refine.ls_number_reflns_R_work                  ? 
_refine.ls_number_restraints                     5420 
_refine.ls_percent_reflns_obs                    100.0 
_refine.ls_percent_reflns_R_free                 4.937 
_refine.ls_R_factor_all                          0.121 
_refine.ls_R_factor_obs                          0.120 
_refine.ls_R_factor_R_free                       0.157 
_refine.ls_R_factor_R_free_error                 ? 
_refine.ls_R_factor_R_free_error_details         ? 
_refine.ls_R_factor_R_work                       ? 
_refine.ls_R_Fsqd_factor_obs                     ? 
_refine.ls_R_I_factor_obs                        ? 
_refine.ls_redundancy_reflns_all                 ? 
_refine.ls_redundancy_reflns_obs                 ? 
_refine.ls_restrained_S_all                      ? 
_refine.ls_restrained_S_obs                      ? 
_refine.ls_shift_over_esd_max                    ? 
_refine.ls_shift_over_esd_mean                   ? 
_refine.ls_structure_factor_coef                 ? 
_refine.ls_weighting_details                     ? 
_refine.ls_weighting_scheme                      ? 
_refine.ls_wR_factor_all                         ? 
_refine.ls_wR_factor_obs                         ? 
_refine.ls_wR_factor_R_free                      ? 
_refine.ls_wR_factor_R_work                      ? 
_refine.occupancy_max                            ? 
_refine.occupancy_min                            ? 
_refine.solvent_model_details                    ? 
_refine.solvent_model_param_bsol                 ? 
_refine.solvent_model_param_ksol                 ? 
_refine.ls_R_factor_gt                           ? 
_refine.ls_goodness_of_fit_gt                    ? 
_refine.ls_goodness_of_fit_ref                   ? 
_refine.ls_shift_over_su_max                     ? 
_refine.ls_shift_over_su_max_lt                  ? 
_refine.ls_shift_over_su_mean                    ? 
_refine.ls_shift_over_su_mean_lt                 ? 
_refine.pdbx_ls_sigma_I                          ? 
_refine.pdbx_ls_sigma_F                          0.0 
_refine.pdbx_ls_sigma_Fsqd                       ? 
_refine.pdbx_data_cutoff_high_absF               ? 
_refine.pdbx_data_cutoff_high_rms_absF           ? 
_refine.pdbx_data_cutoff_low_absF                ? 
_refine.pdbx_isotropic_thermal_model             ? 
_refine.pdbx_ls_cross_valid_method               'FREE R-VALUE' 
_refine.pdbx_method_to_determine_struct          'MOLECULAR REPLACEMENT' 
_refine.pdbx_starting_model                      ? 
_refine.pdbx_stereochemistry_target_values       'ENGH AND HUBER' 
_refine.pdbx_R_Free_selection_details            RANDOM 
_refine.pdbx_stereochem_target_val_spec_case     ? 
_refine.pdbx_overall_ESU_R                       ? 
_refine.pdbx_overall_ESU_R_Free                  ? 
_refine.pdbx_solvent_vdw_probe_radii             ? 
_refine.pdbx_solvent_ion_probe_radii             ? 
_refine.pdbx_solvent_shrinkage_radii             ? 
_refine.pdbx_real_space_R                        ? 
_refine.pdbx_density_correlation                 ? 
_refine.pdbx_pd_number_of_powder_patterns        ? 
_refine.pdbx_pd_number_of_points                 ? 
_refine.pdbx_pd_meas_number_of_points            ? 
_refine.pdbx_pd_proc_ls_prof_R_factor            ? 
_refine.pdbx_pd_proc_ls_prof_wR_factor           ? 
_refine.pdbx_pd_Marquardt_correlation_coeff      ? 
_refine.pdbx_pd_Fsqrd_R_factor                   ? 
_refine.pdbx_pd_ls_matrix_band_width             ? 
_refine.pdbx_overall_phase_error                 ? 
_refine.pdbx_overall_SU_R_free_Cruickshank_DPI   ? 
_refine.pdbx_overall_SU_R_free_Blow_DPI          ? 
_refine.pdbx_overall_SU_R_Blow_DPI               ? 
_refine.pdbx_TLS_residual_ADP_flag               ? 
_refine.pdbx_diffrn_id                           1 
_refine.overall_SU_B                             ? 
_refine.overall_SU_ML                            ? 
_refine.overall_SU_R_Cruickshank_DPI             ? 
_refine.overall_SU_R_free                        ? 
_refine.overall_FOM_free_R_set                   ? 
_refine.overall_FOM_work_R_set                   ? 
_refine.pdbx_average_fsc_overall                 ? 
_refine.pdbx_average_fsc_work                    ? 
_refine.pdbx_average_fsc_free                    ? 
# 
_refine_analyze.entry_id                        4XSN 
_refine_analyze.pdbx_refine_id                  'X-RAY DIFFRACTION' 
_refine_analyze.Luzzati_coordinate_error_free   ? 
_refine_analyze.Luzzati_coordinate_error_obs    ? 
_refine_analyze.Luzzati_d_res_low_free          ? 
_refine_analyze.Luzzati_d_res_low_obs           ? 
_refine_analyze.Luzzati_sigma_a_free            ? 
_refine_analyze.Luzzati_sigma_a_free_details    ? 
_refine_analyze.Luzzati_sigma_a_obs             ? 
_refine_analyze.Luzzati_sigma_a_obs_details     ? 
_refine_analyze.number_disordered_residues      1 
_refine_analyze.occupancy_sum_hydrogen          0.00 
_refine_analyze.occupancy_sum_non_hydrogen      341.0 
_refine_analyze.RG_d_res_high                   ? 
_refine_analyze.RG_d_res_low                    ? 
_refine_analyze.RG_free                         ? 
_refine_analyze.RG_work                         ? 
_refine_analyze.RG_free_work_ratio              ? 
_refine_analyze.pdbx_Luzzati_d_res_high_obs     ? 
# 
_refine_hist.pdbx_refine_id                   'X-RAY DIFFRACTION' 
_refine_hist.cycle_id                         LAST 
_refine_hist.pdbx_number_atoms_protein        0 
_refine_hist.pdbx_number_atoms_nucleic_acid   248 
_refine_hist.pdbx_number_atoms_ligand         0 
_refine_hist.number_atoms_solvent             98 
_refine_hist.number_atoms_total               346 
_refine_hist.d_res_high                       1.452 
_refine_hist.d_res_low                        17.359 
# 
loop_
_refine_ls_restr.pdbx_refine_id 
_refine_ls_restr.criterion 
_refine_ls_restr.dev_ideal 
_refine_ls_restr.dev_ideal_target 
_refine_ls_restr.number 
_refine_ls_restr.rejects 
_refine_ls_restr.type 
_refine_ls_restr.weight 
_refine_ls_restr.pdbx_restraint_function 
'X-RAY DIFFRACTION' ? .0131  ? ? ? s_bond_d               ? ? 
'X-RAY DIFFRACTION' ? 0.367  ? ? ? s_angle_d              ? ? 
'X-RAY DIFFRACTION' ? 0.0    ? ? ? s_similar_dist         ? ? 
'X-RAY DIFFRACTION' ? 0.003  ? ? ? s_from_restr_planes    ? ? 
'X-RAY DIFFRACTION' ? 0.0    ? ? ? s_zero_chiral_vol      ? ? 
'X-RAY DIFFRACTION' ? 0.04   ? ? ? s_non_zero_chiral_vol  ? ? 
'X-RAY DIFFRACTION' ? 0.0186 ? ? ? s_anti_bump_dis_restr  ? ? 
'X-RAY DIFFRACTION' ? 0.0089 ? ? ? s_rigid_bond_adp_cmpnt ? ? 
'X-RAY DIFFRACTION' ? 0.0216 ? ? ? s_similar_adp_cmpnt    ? ? 
'X-RAY DIFFRACTION' ? .0000  ? ? ? s_approx_iso_adps      ? ? 
# 
_pdbx_refine.pdbx_refine_id                              'X-RAY DIFFRACTION' 
_pdbx_refine.entry_id                                    4XSN 
_pdbx_refine.R_factor_all_no_cutoff                      0.121 
_pdbx_refine.R_factor_obs_no_cutoff                      0.120 
_pdbx_refine.free_R_factor_no_cutoff                     0.157 
_pdbx_refine.free_R_error_no_cutoff                      ? 
_pdbx_refine.free_R_val_test_set_size_perc_no_cutoff     4.937 
_pdbx_refine.free_R_val_test_set_ct_no_cutoff            378 
_pdbx_refine.R_factor_all_4sig_cutoff                    0.107 
_pdbx_refine.R_factor_obs_4sig_cutoff                    0.106 
_pdbx_refine.free_R_factor_4sig_cutoff                   0.143 
_pdbx_refine.free_R_val_test_set_size_perc_4sig_cutoff   4.975 
_pdbx_refine.free_R_val_test_set_ct_4sig_cutoff          309 
_pdbx_refine.number_reflns_obs_4sig_cutoff               6211 
# 
_struct.entry_id                     4XSN 
_struct.title                        'Copper(II) bound to the Z-DNA form of d(CGCGCG)' 
_struct.pdbx_model_details           ? 
_struct.pdbx_formula_weight          ? 
_struct.pdbx_formula_weight_method   ? 
_struct.pdbx_model_type_details      ? 
_struct.pdbx_CASP_flag               ? 
# 
_struct_keywords.entry_id        4XSN 
_struct_keywords.text            'Z-DNA, copper(II), DNA' 
_struct_keywords.pdbx_keywords   DNA 
# 
loop_
_struct_asym.id 
_struct_asym.pdbx_blank_PDB_chainid_flag 
_struct_asym.pdbx_modified 
_struct_asym.entity_id 
_struct_asym.details 
A N N 1 ? 
B N N 1 ? 
C N N 2 ? 
D N N 3 ? 
E N N 3 ? 
# 
_struct_ref.id                         1 
_struct_ref.db_name                    PDB 
_struct_ref.db_code                    4XSN 
_struct_ref.pdbx_db_accession          4XSN 
_struct_ref.pdbx_db_isoform            ? 
_struct_ref.entity_id                  1 
_struct_ref.pdbx_seq_one_letter_code   ? 
_struct_ref.pdbx_align_begin           1 
# 
loop_
_struct_ref_seq.align_id 
_struct_ref_seq.ref_id 
_struct_ref_seq.pdbx_PDB_id_code 
_struct_ref_seq.pdbx_strand_id 
_struct_ref_seq.seq_align_beg 
_struct_ref_seq.pdbx_seq_align_beg_ins_code 
_struct_ref_seq.seq_align_end 
_struct_ref_seq.pdbx_seq_align_end_ins_code 
_struct_ref_seq.pdbx_db_accession 
_struct_ref_seq.db_align_beg 
_struct_ref_seq.pdbx_db_align_beg_ins_code 
_struct_ref_seq.db_align_end 
_struct_ref_seq.pdbx_db_align_end_ins_code 
_struct_ref_seq.pdbx_auth_seq_align_beg 
_struct_ref_seq.pdbx_auth_seq_align_end 
1 1 4XSN A 1 ? 6 ? 4XSN 1 ? 6 ? 1 6 
2 1 4XSN B 1 ? 6 ? 4XSN 1 ? 6 ? 1 6 
# 
_pdbx_struct_assembly.id                   1 
_pdbx_struct_assembly.details              author_and_software_defined_assembly 
_pdbx_struct_assembly.method_details       PISA 
_pdbx_struct_assembly.oligomeric_details   dimeric 
_pdbx_struct_assembly.oligomeric_count     2 
# 
loop_
_pdbx_struct_assembly_prop.biol_id 
_pdbx_struct_assembly_prop.type 
_pdbx_struct_assembly_prop.value 
_pdbx_struct_assembly_prop.details 
1 'ABSA (A^2)' 1830 ? 
1 MORE         4    ? 
1 'SSA (A^2)'  2270 ? 
# 
_pdbx_struct_assembly_gen.assembly_id       1 
_pdbx_struct_assembly_gen.oper_expression   1 
_pdbx_struct_assembly_gen.asym_id_list      A,B,C,D,E 
# 
_pdbx_struct_oper_list.id                   1 
_pdbx_struct_oper_list.type                 'identity operation' 
_pdbx_struct_oper_list.name                 1_555 
_pdbx_struct_oper_list.symmetry_operation   x,y,z 
_pdbx_struct_oper_list.matrix[1][1]         1.0000000000 
_pdbx_struct_oper_list.matrix[1][2]         0.0000000000 
_pdbx_struct_oper_list.matrix[1][3]         0.0000000000 
_pdbx_struct_oper_list.vector[1]            0.0000000000 
_pdbx_struct_oper_list.matrix[2][1]         0.0000000000 
_pdbx_struct_oper_list.matrix[2][2]         1.0000000000 
_pdbx_struct_oper_list.matrix[2][3]         0.0000000000 
_pdbx_struct_oper_list.vector[2]            0.0000000000 
_pdbx_struct_oper_list.matrix[3][1]         0.0000000000 
_pdbx_struct_oper_list.matrix[3][2]         0.0000000000 
_pdbx_struct_oper_list.matrix[3][3]         1.0000000000 
_pdbx_struct_oper_list.vector[3]            0.0000000000 
# 
loop_
_struct_conn.id 
_struct_conn.conn_type_id 
_struct_conn.pdbx_leaving_atom_flag 
_struct_conn.pdbx_PDB_id 
_struct_conn.ptnr1_label_asym_id 
_struct_conn.ptnr1_label_comp_id 
_struct_conn.ptnr1_label_seq_id 
_struct_conn.ptnr1_label_atom_id 
_struct_conn.pdbx_ptnr1_label_alt_id 
_struct_conn.pdbx_ptnr1_PDB_ins_code 
_struct_conn.pdbx_ptnr1_standard_comp_id 
_struct_conn.ptnr1_symmetry 
_struct_conn.ptnr2_label_asym_id 
_struct_conn.ptnr2_label_comp_id 
_struct_conn.ptnr2_label_seq_id 
_struct_conn.ptnr2_label_atom_id 
_struct_conn.pdbx_ptnr2_label_alt_id 
_struct_conn.pdbx_ptnr2_PDB_ins_code 
_struct_conn.ptnr1_auth_asym_id 
_struct_conn.ptnr1_auth_comp_id 
_struct_conn.ptnr1_auth_seq_id 
_struct_conn.ptnr2_auth_asym_id 
_struct_conn.ptnr2_auth_comp_id 
_struct_conn.ptnr2_auth_seq_id 
_struct_conn.ptnr2_symmetry 
_struct_conn.pdbx_ptnr3_label_atom_id 
_struct_conn.pdbx_ptnr3_label_seq_id 
_struct_conn.pdbx_ptnr3_label_comp_id 
_struct_conn.pdbx_ptnr3_label_asym_id 
_struct_conn.pdbx_ptnr3_label_alt_id 
_struct_conn.pdbx_ptnr3_PDB_ins_code 
_struct_conn.details 
_struct_conn.pdbx_dist_value 
_struct_conn.pdbx_value_order 
_struct_conn.pdbx_role 
covale1  covale both ? A DC  1 "O3'" ? ? ? 1_555 A BGM 2 P  ? ? A DC  1   A BGM 2   1_555 ? ? ? ? ? ? ?            1.609 ? ? 
covale2  covale both ? A BGM 2 "O3'" ? ? ? 1_555 A DC  3 P  ? ? A BGM 2   A DC  3   1_555 ? ? ? ? ? ? ?            1.612 ? ? 
covale3  covale both ? B DC  1 "O3'" ? ? ? 1_555 B BGM 2 P  ? ? B DC  1   B BGM 2   1_555 ? ? ? ? ? ? ?            1.573 ? ? 
covale4  covale both ? B BGM 2 "O3'" ? ? ? 1_555 B DC  3 P  B ? B BGM 2   B DC  3   1_555 ? ? ? ? ? ? ?            1.593 ? ? 
covale5  covale both ? B BGM 2 "O3'" ? ? ? 1_555 B DC  3 P  A ? B BGM 2   B DC  3   1_555 ? ? ? ? ? ? ?            1.595 ? ? 
metalc1  metalc ?    ? B DG  4 N7    ? ? ? 1_555 C CU  . CU ? ? B DG  4   B CU  101 4_566 ? ? ? ? ? ? ?            2.572 ? ? 
metalc2  metalc ?    ? B DG  4 O6    ? ? ? 1_555 C CU  . CU ? ? B DG  4   B CU  101 4_566 ? ? ? ? ? ? ?            2.010 ? ? 
metalc3  metalc ?    ? B DG  6 N7    ? ? ? 1_555 C CU  . CU ? ? B DG  6   B CU  101 1_555 ? ? ? ? ? ? ?            2.009 ? ? 
metalc4  metalc ?    ? C CU  . CU    ? ? ? 1_555 E HOH . O  ? ? B CU  101 B HOH 208 1_555 ? ? ? ? ? ? ?            2.369 ? ? 
metalc5  metalc ?    ? C CU  . CU    ? ? ? 1_555 E HOH . O  ? ? B CU  101 B HOH 211 4_466 ? ? ? ? ? ? ?            1.954 ? ? 
metalc6  metalc ?    ? C CU  . CU    ? ? ? 1_555 E HOH . O  ? ? B CU  101 B HOH 213 1_555 ? ? ? ? ? ? ?            2.066 ? ? 
hydrog1  hydrog ?    ? A DC  1 N3    ? ? ? 1_555 B DG  6 N1 ? ? A DC  1   B DG  6   1_555 ? ? ? ? ? ? WATSON-CRICK ?     ? ? 
hydrog2  hydrog ?    ? A DC  1 N4    ? ? ? 1_555 B DG  6 O6 ? ? A DC  1   B DG  6   1_555 ? ? ? ? ? ? WATSON-CRICK ?     ? ? 
hydrog3  hydrog ?    ? A DC  1 O2    ? ? ? 1_555 B DG  6 N2 ? ? A DC  1   B DG  6   1_555 ? ? ? ? ? ? WATSON-CRICK ?     ? ? 
hydrog4  hydrog ?    ? A BGM 2 N1    ? ? ? 1_555 B DC  5 N3 ? ? A BGM 2   B DC  5   1_555 ? ? ? ? ? ? WATSON-CRICK ?     ? ? 
hydrog5  hydrog ?    ? A BGM 2 N2    ? ? ? 1_555 B DC  5 O2 ? ? A BGM 2   B DC  5   1_555 ? ? ? ? ? ? WATSON-CRICK ?     ? ? 
hydrog6  hydrog ?    ? A BGM 2 O6    ? ? ? 1_555 B DC  5 N4 ? ? A BGM 2   B DC  5   1_555 ? ? ? ? ? ? WATSON-CRICK ?     ? ? 
hydrog7  hydrog ?    ? A DC  3 N3    ? ? ? 1_555 B DG  4 N1 ? ? A DC  3   B DG  4   1_555 ? ? ? ? ? ? WATSON-CRICK ?     ? ? 
hydrog8  hydrog ?    ? A DC  3 N4    ? ? ? 1_555 B DG  4 O6 ? ? A DC  3   B DG  4   1_555 ? ? ? ? ? ? WATSON-CRICK ?     ? ? 
hydrog9  hydrog ?    ? A DC  3 O2    ? ? ? 1_555 B DG  4 N2 ? ? A DC  3   B DG  4   1_555 ? ? ? ? ? ? WATSON-CRICK ?     ? ? 
hydrog10 hydrog ?    ? A DG  4 N1    ? ? ? 1_555 B DC  3 N3 ? ? A DG  4   B DC  3   1_555 ? ? ? ? ? ? WATSON-CRICK ?     ? ? 
hydrog11 hydrog ?    ? A DG  4 N2    ? ? ? 1_555 B DC  3 O2 ? ? A DG  4   B DC  3   1_555 ? ? ? ? ? ? WATSON-CRICK ?     ? ? 
hydrog12 hydrog ?    ? A DG  4 O6    ? ? ? 1_555 B DC  3 N4 ? ? A DG  4   B DC  3   1_555 ? ? ? ? ? ? WATSON-CRICK ?     ? ? 
hydrog13 hydrog ?    ? A DC  5 N3    ? ? ? 1_555 B BGM 2 N1 ? ? A DC  5   B BGM 2   1_555 ? ? ? ? ? ? WATSON-CRICK ?     ? ? 
hydrog14 hydrog ?    ? A DC  5 N4    ? ? ? 1_555 B BGM 2 O6 ? ? A DC  5   B BGM 2   1_555 ? ? ? ? ? ? WATSON-CRICK ?     ? ? 
hydrog15 hydrog ?    ? A DC  5 O2    ? ? ? 1_555 B BGM 2 N2 ? ? A DC  5   B BGM 2   1_555 ? ? ? ? ? ? WATSON-CRICK ?     ? ? 
hydrog16 hydrog ?    ? A DG  6 N1    ? ? ? 1_555 B DC  1 N3 ? ? A DG  6   B DC  1   1_555 ? ? ? ? ? ? WATSON-CRICK ?     ? ? 
hydrog17 hydrog ?    ? A DG  6 N2    ? ? ? 1_555 B DC  1 O2 ? ? A DG  6   B DC  1   1_555 ? ? ? ? ? ? WATSON-CRICK ?     ? ? 
hydrog18 hydrog ?    ? A DG  6 O6    ? ? ? 1_555 B DC  1 N4 ? ? A DG  6   B DC  1   1_555 ? ? ? ? ? ? WATSON-CRICK ?     ? ? 
# 
loop_
_struct_conn_type.id 
_struct_conn_type.criteria 
_struct_conn_type.reference 
covale ? ? 
metalc ? ? 
hydrog ? ? 
# 
loop_
_pdbx_struct_conn_angle.id 
_pdbx_struct_conn_angle.ptnr1_label_atom_id 
_pdbx_struct_conn_angle.ptnr1_label_alt_id 
_pdbx_struct_conn_angle.ptnr1_label_asym_id 
_pdbx_struct_conn_angle.ptnr1_label_comp_id 
_pdbx_struct_conn_angle.ptnr1_label_seq_id 
_pdbx_struct_conn_angle.ptnr1_auth_atom_id 
_pdbx_struct_conn_angle.ptnr1_auth_asym_id 
_pdbx_struct_conn_angle.ptnr1_auth_comp_id 
_pdbx_struct_conn_angle.ptnr1_auth_seq_id 
_pdbx_struct_conn_angle.ptnr1_PDB_ins_code 
_pdbx_struct_conn_angle.ptnr1_symmetry 
_pdbx_struct_conn_angle.ptnr2_label_atom_id 
_pdbx_struct_conn_angle.ptnr2_label_alt_id 
_pdbx_struct_conn_angle.ptnr2_label_asym_id 
_pdbx_struct_conn_angle.ptnr2_label_comp_id 
_pdbx_struct_conn_angle.ptnr2_label_seq_id 
_pdbx_struct_conn_angle.ptnr2_auth_atom_id 
_pdbx_struct_conn_angle.ptnr2_auth_asym_id 
_pdbx_struct_conn_angle.ptnr2_auth_comp_id 
_pdbx_struct_conn_angle.ptnr2_auth_seq_id 
_pdbx_struct_conn_angle.ptnr2_PDB_ins_code 
_pdbx_struct_conn_angle.ptnr2_symmetry 
_pdbx_struct_conn_angle.ptnr3_label_atom_id 
_pdbx_struct_conn_angle.ptnr3_label_alt_id 
_pdbx_struct_conn_angle.ptnr3_label_asym_id 
_pdbx_struct_conn_angle.ptnr3_label_comp_id 
_pdbx_struct_conn_angle.ptnr3_label_seq_id 
_pdbx_struct_conn_angle.ptnr3_auth_atom_id 
_pdbx_struct_conn_angle.ptnr3_auth_asym_id 
_pdbx_struct_conn_angle.ptnr3_auth_comp_id 
_pdbx_struct_conn_angle.ptnr3_auth_seq_id 
_pdbx_struct_conn_angle.ptnr3_PDB_ins_code 
_pdbx_struct_conn_angle.ptnr3_symmetry 
_pdbx_struct_conn_angle.value 
_pdbx_struct_conn_angle.value_esd 
1  N7 ? B DG  4 ? B DG  4   ? 1_555 CU ? C CU . ? B CU 101 ? 4_566 O6 ? B DG  4 ? B DG  4   ? 1_555 78.0 ? 
2  N7 ? B DG  4 ? B DG  4   ? 1_555 CU ? C CU . ? B CU 101 ? 4_566 N7 ? B DG  6 ? B DG  6   ? 1_555 36.5 ? 
3  O6 ? B DG  4 ? B DG  4   ? 1_555 CU ? C CU . ? B CU 101 ? 4_566 N7 ? B DG  6 ? B DG  6   ? 1_555 56.0 ? 
4  N7 ? B DG  4 ? B DG  4   ? 1_555 CU ? C CU . ? B CU 101 ? 4_566 O  ? E HOH . ? B HOH 208 ? 1_555 38.1 ? 
5  O6 ? B DG  4 ? B DG  4   ? 1_555 CU ? C CU . ? B CU 101 ? 4_566 O  ? E HOH . ? B HOH 208 ? 1_555 69.2 ? 
6  N7 ? B DG  6 ? B DG  6   ? 1_555 CU ? C CU . ? B CU 101 ? 4_566 O  ? E HOH . ? B HOH 208 ? 1_555 14.5 ? 
7  N7 ? B DG  4 ? B DG  4   ? 1_555 CU ? C CU . ? B CU 101 ? 4_566 O  ? E HOH . ? B HOH 211 ? 4_466 35.5 ? 
8  O6 ? B DG  4 ? B DG  4   ? 1_555 CU ? C CU . ? B CU 101 ? 4_566 O  ? E HOH . ? B HOH 211 ? 4_466 66.9 ? 
9  N7 ? B DG  6 ? B DG  6   ? 1_555 CU ? C CU . ? B CU 101 ? 4_566 O  ? E HOH . ? B HOH 211 ? 4_466 11.3 ? 
10 O  ? E HOH . ? B HOH 208 ? 1_555 CU ? C CU . ? B CU 101 ? 4_566 O  ? E HOH . ? B HOH 211 ? 4_466 3.8  ? 
11 N7 ? B DG  4 ? B DG  4   ? 1_555 CU ? C CU . ? B CU 101 ? 4_566 O  ? E HOH . ? B HOH 213 ? 1_555 25.7 ? 
12 O6 ? B DG  4 ? B DG  4   ? 1_555 CU ? C CU . ? B CU 101 ? 4_566 O  ? E HOH . ? B HOH 213 ? 1_555 62.8 ? 
13 N7 ? B DG  6 ? B DG  6   ? 1_555 CU ? C CU . ? B CU 101 ? 4_566 O  ? E HOH . ? B HOH 213 ? 1_555 11.0 ? 
14 O  ? E HOH . ? B HOH 208 ? 1_555 CU ? C CU . ? B CU 101 ? 4_566 O  ? E HOH . ? B HOH 213 ? 1_555 16.5 ? 
15 O  ? E HOH . ? B HOH 211 ? 4_466 CU ? C CU . ? B CU 101 ? 4_566 O  ? E HOH . ? B HOH 213 ? 1_555 12.8 ? 
# 
_struct_site.id                   AC1 
_struct_site.pdbx_evidence_code   Software 
_struct_site.pdbx_auth_asym_id    B 
_struct_site.pdbx_auth_comp_id    CU 
_struct_site.pdbx_auth_seq_id     101 
_struct_site.pdbx_auth_ins_code   ? 
_struct_site.pdbx_num_residues    5 
_struct_site.details              'binding site for residue CU B 101' 
# 
loop_
_struct_site_gen.id 
_struct_site_gen.site_id 
_struct_site_gen.pdbx_num_res 
_struct_site_gen.label_comp_id 
_struct_site_gen.label_asym_id 
_struct_site_gen.label_seq_id 
_struct_site_gen.pdbx_auth_ins_code 
_struct_site_gen.auth_comp_id 
_struct_site_gen.auth_asym_id 
_struct_site_gen.auth_seq_id 
_struct_site_gen.label_atom_id 
_struct_site_gen.label_alt_id 
_struct_site_gen.symmetry 
_struct_site_gen.details 
1 AC1 5 DG  B 4 ? DG  B 4   . ? 4_466 ? 
2 AC1 5 DG  B 6 ? DG  B 6   . ? 1_555 ? 
3 AC1 5 HOH E . ? HOH B 208 . ? 1_555 ? 
4 AC1 5 HOH E . ? HOH B 211 . ? 4_466 ? 
5 AC1 5 HOH E . ? HOH B 213 . ? 1_555 ? 
# 
loop_
_pdbx_validate_rmsd_angle.id 
_pdbx_validate_rmsd_angle.PDB_model_num 
_pdbx_validate_rmsd_angle.auth_atom_id_1 
_pdbx_validate_rmsd_angle.auth_asym_id_1 
_pdbx_validate_rmsd_angle.auth_comp_id_1 
_pdbx_validate_rmsd_angle.auth_seq_id_1 
_pdbx_validate_rmsd_angle.PDB_ins_code_1 
_pdbx_validate_rmsd_angle.label_alt_id_1 
_pdbx_validate_rmsd_angle.auth_atom_id_2 
_pdbx_validate_rmsd_angle.auth_asym_id_2 
_pdbx_validate_rmsd_angle.auth_comp_id_2 
_pdbx_validate_rmsd_angle.auth_seq_id_2 
_pdbx_validate_rmsd_angle.PDB_ins_code_2 
_pdbx_validate_rmsd_angle.label_alt_id_2 
_pdbx_validate_rmsd_angle.auth_atom_id_3 
_pdbx_validate_rmsd_angle.auth_asym_id_3 
_pdbx_validate_rmsd_angle.auth_comp_id_3 
_pdbx_validate_rmsd_angle.auth_seq_id_3 
_pdbx_validate_rmsd_angle.PDB_ins_code_3 
_pdbx_validate_rmsd_angle.label_alt_id_3 
_pdbx_validate_rmsd_angle.angle_value 
_pdbx_validate_rmsd_angle.angle_target_value 
_pdbx_validate_rmsd_angle.angle_deviation 
_pdbx_validate_rmsd_angle.angle_standard_deviation 
_pdbx_validate_rmsd_angle.linker_flag 
1  1 "O4'" A DC 1 ? ? "C1'" A DC 1 ? ? N1    A DC  1 ? ? 114.04 108.30 5.74  0.30 N 
2  1 C4    A DC 3 ? ? C5    A DC 3 ? ? C6    A DC  3 ? ? 114.20 117.40 -3.20 0.50 N 
3  1 C5    A DC 3 ? ? C6    A DC 3 ? ? N1    A DC  3 ? ? 125.31 121.00 4.31  0.50 N 
4  1 N3    A DC 3 ? ? C2    A DC 3 ? ? O2    A DC  3 ? ? 126.30 121.90 4.40  0.70 N 
5  1 "O5'" A DG 4 ? ? "C5'" A DG 4 ? ? "C4'" A DG  4 ? ? 102.49 109.40 -6.91 0.80 N 
6  1 "O4'" A DC 5 ? ? "C1'" A DC 5 ? ? N1    A DC  5 ? ? 113.38 108.30 5.08  0.30 N 
7  1 C2    A DC 5 ? ? N3    A DC 5 ? ? C4    A DC  5 ? ? 123.09 119.90 3.19  0.50 N 
8  1 "O4'" A DG 6 ? ? "C1'" A DG 6 ? ? N9    A DG  6 ? ? 102.64 108.00 -5.36 0.70 N 
9  1 "O4'" B DC 1 ? ? "C1'" B DC 1 ? ? N1    B DC  1 ? ? 112.43 108.30 4.13  0.30 N 
10 1 "C3'" B DC 1 ? ? "O3'" B DC 1 ? ? P     B BGM 2 ? ? 128.01 119.70 8.31  1.20 Y 
11 1 N3    B DG 4 ? ? C4    B DG 4 ? ? C5    B DG  4 ? ? 125.35 128.60 -3.25 0.50 N 
12 1 C4    B DG 4 ? ? C5    B DG 4 ? ? C6    B DG  4 ? ? 122.59 118.80 3.79  0.60 N 
13 1 N3    B DG 4 ? ? C4    B DG 4 ? ? N9    B DG  4 ? ? 130.40 126.00 4.40  0.60 N 
14 1 C6    B DG 4 ? ? C5    B DG 4 ? ? N7    B DG  4 ? ? 125.26 130.40 -5.14 0.60 N 
15 1 N1    B DG 4 ? ? C6    B DG 4 ? ? O6    B DG  4 ? ? 126.20 119.90 6.30  0.60 N 
16 1 C5    B DG 4 ? ? C6    B DG 4 ? ? O6    B DG  4 ? ? 123.82 128.60 -4.78 0.60 N 
17 1 "O4'" B DC 5 ? ? "C1'" B DC 5 ? ? N1    B DC  5 ? ? 112.33 108.30 4.03  0.30 N 
18 1 N3    B DC 5 ? ? C4    B DC 5 ? ? C5    B DC  5 ? ? 119.05 121.90 -2.85 0.40 N 
19 1 "O4'" B DG 6 ? ? "C1'" B DG 6 ? ? N9    B DG  6 ? ? 103.76 108.00 -4.24 0.70 N 
# 
loop_
_chem_comp_atom.comp_id 
_chem_comp_atom.atom_id 
_chem_comp_atom.type_symbol 
_chem_comp_atom.pdbx_aromatic_flag 
_chem_comp_atom.pdbx_stereo_config 
_chem_comp_atom.pdbx_ordinal 
BGM P      P  N N 1   
BGM OP1    O  N N 2   
BGM OP2    O  N N 3   
BGM "O5'"  O  N N 4   
BGM "C5'"  C  N N 5   
BGM "C4'"  C  N R 6   
BGM "O4'"  O  N N 7   
BGM "C1'"  C  N R 8   
BGM N9     N  Y N 9   
BGM C8     C  Y N 10  
BGM N7     N  Y N 11  
BGM C5     C  Y N 12  
BGM C4     C  Y N 13  
BGM N3     N  N N 14  
BGM C2     C  N N 15  
BGM N2     N  N N 16  
BGM N1     N  N N 17  
BGM C6     C  N N 18  
BGM O6     O  N N 19  
BGM "C2'"  C  N N 20  
BGM "C3'"  C  N S 21  
BGM "O3'"  O  N N 22  
BGM OP3    O  N N 23  
BGM BR     BR N N 24  
BGM HOP2   H  N N 25  
BGM "H5'"  H  N N 26  
BGM "H5''" H  N N 27  
BGM "H4'"  H  N N 28  
BGM "H1'"  H  N N 29  
BGM H21    H  N N 30  
BGM H22    H  N N 31  
BGM H1     H  N N 32  
BGM "H2'"  H  N N 33  
BGM "H2''" H  N N 34  
BGM "H3'"  H  N N 35  
BGM "HO3'" H  N N 36  
BGM HOP3   H  N N 37  
CU  CU     CU N N 38  
DC  OP3    O  N N 39  
DC  P      P  N N 40  
DC  OP1    O  N N 41  
DC  OP2    O  N N 42  
DC  "O5'"  O  N N 43  
DC  "C5'"  C  N N 44  
DC  "C4'"  C  N R 45  
DC  "O4'"  O  N N 46  
DC  "C3'"  C  N S 47  
DC  "O3'"  O  N N 48  
DC  "C2'"  C  N N 49  
DC  "C1'"  C  N R 50  
DC  N1     N  N N 51  
DC  C2     C  N N 52  
DC  O2     O  N N 53  
DC  N3     N  N N 54  
DC  C4     C  N N 55  
DC  N4     N  N N 56  
DC  C5     C  N N 57  
DC  C6     C  N N 58  
DC  HOP3   H  N N 59  
DC  HOP2   H  N N 60  
DC  "H5'"  H  N N 61  
DC  "H5''" H  N N 62  
DC  "H4'"  H  N N 63  
DC  "H3'"  H  N N 64  
DC  "HO3'" H  N N 65  
DC  "H2'"  H  N N 66  
DC  "H2''" H  N N 67  
DC  "H1'"  H  N N 68  
DC  H41    H  N N 69  
DC  H42    H  N N 70  
DC  H5     H  N N 71  
DC  H6     H  N N 72  
DG  OP3    O  N N 73  
DG  P      P  N N 74  
DG  OP1    O  N N 75  
DG  OP2    O  N N 76  
DG  "O5'"  O  N N 77  
DG  "C5'"  C  N N 78  
DG  "C4'"  C  N R 79  
DG  "O4'"  O  N N 80  
DG  "C3'"  C  N S 81  
DG  "O3'"  O  N N 82  
DG  "C2'"  C  N N 83  
DG  "C1'"  C  N R 84  
DG  N9     N  Y N 85  
DG  C8     C  Y N 86  
DG  N7     N  Y N 87  
DG  C5     C  Y N 88  
DG  C6     C  N N 89  
DG  O6     O  N N 90  
DG  N1     N  N N 91  
DG  C2     C  N N 92  
DG  N2     N  N N 93  
DG  N3     N  N N 94  
DG  C4     C  Y N 95  
DG  HOP3   H  N N 96  
DG  HOP2   H  N N 97  
DG  "H5'"  H  N N 98  
DG  "H5''" H  N N 99  
DG  "H4'"  H  N N 100 
DG  "H3'"  H  N N 101 
DG  "HO3'" H  N N 102 
DG  "H2'"  H  N N 103 
DG  "H2''" H  N N 104 
DG  "H1'"  H  N N 105 
DG  H8     H  N N 106 
DG  H1     H  N N 107 
DG  H21    H  N N 108 
DG  H22    H  N N 109 
HOH O      O  N N 110 
HOH H1     H  N N 111 
HOH H2     H  N N 112 
# 
loop_
_chem_comp_bond.comp_id 
_chem_comp_bond.atom_id_1 
_chem_comp_bond.atom_id_2 
_chem_comp_bond.value_order 
_chem_comp_bond.pdbx_aromatic_flag 
_chem_comp_bond.pdbx_stereo_config 
_chem_comp_bond.pdbx_ordinal 
BGM P     OP1    doub N N 1   
BGM P     OP2    sing N N 2   
BGM P     "O5'"  sing N N 3   
BGM P     OP3    sing N N 4   
BGM OP2   HOP2   sing N N 5   
BGM "O5'" "C5'"  sing N N 6   
BGM "C5'" "C4'"  sing N N 7   
BGM "C5'" "H5'"  sing N N 8   
BGM "C5'" "H5''" sing N N 9   
BGM "C4'" "O4'"  sing N N 10  
BGM "C4'" "C3'"  sing N N 11  
BGM "C4'" "H4'"  sing N N 12  
BGM "O4'" "C1'"  sing N N 13  
BGM "C1'" N9     sing N N 14  
BGM "C1'" "C2'"  sing N N 15  
BGM "C1'" "H1'"  sing N N 16  
BGM N9    C8     sing Y N 17  
BGM N9    C4     sing Y N 18  
BGM C8    N7     doub Y N 19  
BGM C8    BR     sing N N 20  
BGM N7    C5     sing Y N 21  
BGM C5    C4     doub Y N 22  
BGM C5    C6     sing N N 23  
BGM C4    N3     sing N N 24  
BGM N3    C2     doub N N 25  
BGM C2    N2     sing N N 26  
BGM C2    N1     sing N N 27  
BGM N2    H21    sing N N 28  
BGM N2    H22    sing N N 29  
BGM N1    C6     sing N N 30  
BGM N1    H1     sing N N 31  
BGM C6    O6     doub N N 32  
BGM "C2'" "C3'"  sing N N 33  
BGM "C2'" "H2'"  sing N N 34  
BGM "C2'" "H2''" sing N N 35  
BGM "C3'" "O3'"  sing N N 36  
BGM "C3'" "H3'"  sing N N 37  
BGM "O3'" "HO3'" sing N N 38  
BGM OP3   HOP3   sing N N 39  
DC  OP3   P      sing N N 40  
DC  OP3   HOP3   sing N N 41  
DC  P     OP1    doub N N 42  
DC  P     OP2    sing N N 43  
DC  P     "O5'"  sing N N 44  
DC  OP2   HOP2   sing N N 45  
DC  "O5'" "C5'"  sing N N 46  
DC  "C5'" "C4'"  sing N N 47  
DC  "C5'" "H5'"  sing N N 48  
DC  "C5'" "H5''" sing N N 49  
DC  "C4'" "O4'"  sing N N 50  
DC  "C4'" "C3'"  sing N N 51  
DC  "C4'" "H4'"  sing N N 52  
DC  "O4'" "C1'"  sing N N 53  
DC  "C3'" "O3'"  sing N N 54  
DC  "C3'" "C2'"  sing N N 55  
DC  "C3'" "H3'"  sing N N 56  
DC  "O3'" "HO3'" sing N N 57  
DC  "C2'" "C1'"  sing N N 58  
DC  "C2'" "H2'"  sing N N 59  
DC  "C2'" "H2''" sing N N 60  
DC  "C1'" N1     sing N N 61  
DC  "C1'" "H1'"  sing N N 62  
DC  N1    C2     sing N N 63  
DC  N1    C6     sing N N 64  
DC  C2    O2     doub N N 65  
DC  C2    N3     sing N N 66  
DC  N3    C4     doub N N 67  
DC  C4    N4     sing N N 68  
DC  C4    C5     sing N N 69  
DC  N4    H41    sing N N 70  
DC  N4    H42    sing N N 71  
DC  C5    C6     doub N N 72  
DC  C5    H5     sing N N 73  
DC  C6    H6     sing N N 74  
DG  OP3   P      sing N N 75  
DG  OP3   HOP3   sing N N 76  
DG  P     OP1    doub N N 77  
DG  P     OP2    sing N N 78  
DG  P     "O5'"  sing N N 79  
DG  OP2   HOP2   sing N N 80  
DG  "O5'" "C5'"  sing N N 81  
DG  "C5'" "C4'"  sing N N 82  
DG  "C5'" "H5'"  sing N N 83  
DG  "C5'" "H5''" sing N N 84  
DG  "C4'" "O4'"  sing N N 85  
DG  "C4'" "C3'"  sing N N 86  
DG  "C4'" "H4'"  sing N N 87  
DG  "O4'" "C1'"  sing N N 88  
DG  "C3'" "O3'"  sing N N 89  
DG  "C3'" "C2'"  sing N N 90  
DG  "C3'" "H3'"  sing N N 91  
DG  "O3'" "HO3'" sing N N 92  
DG  "C2'" "C1'"  sing N N 93  
DG  "C2'" "H2'"  sing N N 94  
DG  "C2'" "H2''" sing N N 95  
DG  "C1'" N9     sing N N 96  
DG  "C1'" "H1'"  sing N N 97  
DG  N9    C8     sing Y N 98  
DG  N9    C4     sing Y N 99  
DG  C8    N7     doub Y N 100 
DG  C8    H8     sing N N 101 
DG  N7    C5     sing Y N 102 
DG  C5    C6     sing N N 103 
DG  C5    C4     doub Y N 104 
DG  C6    O6     doub N N 105 
DG  C6    N1     sing N N 106 
DG  N1    C2     sing N N 107 
DG  N1    H1     sing N N 108 
DG  C2    N2     sing N N 109 
DG  C2    N3     doub N N 110 
DG  N2    H21    sing N N 111 
DG  N2    H22    sing N N 112 
DG  N3    C4     sing N N 113 
HOH O     H1     sing N N 114 
HOH O     H2     sing N N 115 
# 
_ndb_struct_conf_na.entry_id   4XSN 
_ndb_struct_conf_na.feature    'z-form double helix' 
# 
loop_
_ndb_struct_na_base_pair.model_number 
_ndb_struct_na_base_pair.i_label_asym_id 
_ndb_struct_na_base_pair.i_label_comp_id 
_ndb_struct_na_base_pair.i_label_seq_id 
_ndb_struct_na_base_pair.i_symmetry 
_ndb_struct_na_base_pair.j_label_asym_id 
_ndb_struct_na_base_pair.j_label_comp_id 
_ndb_struct_na_base_pair.j_label_seq_id 
_ndb_struct_na_base_pair.j_symmetry 
_ndb_struct_na_base_pair.shear 
_ndb_struct_na_base_pair.stretch 
_ndb_struct_na_base_pair.stagger 
_ndb_struct_na_base_pair.buckle 
_ndb_struct_na_base_pair.propeller 
_ndb_struct_na_base_pair.opening 
_ndb_struct_na_base_pair.pair_number 
_ndb_struct_na_base_pair.pair_name 
_ndb_struct_na_base_pair.i_auth_asym_id 
_ndb_struct_na_base_pair.i_auth_seq_id 
_ndb_struct_na_base_pair.i_PDB_ins_code 
_ndb_struct_na_base_pair.j_auth_asym_id 
_ndb_struct_na_base_pair.j_auth_seq_id 
_ndb_struct_na_base_pair.j_PDB_ins_code 
_ndb_struct_na_base_pair.hbond_type_28 
_ndb_struct_na_base_pair.hbond_type_12 
1 A DC  1 1_555 B DG  6 1_555 -0.316 -0.138 0.063  4.340  5.179  2.047 1 A_DC1:DG6_B  A 1 ? B 6 ? 19 1 
1 A BGM 2 1_555 B DC  5 1_555 0.367  -0.080 -0.027 -0.173 0.879  0.150 2 A_BGM2:DC5_B A 2 ? B 5 ? 19 1 
1 A DC  3 1_555 B DG  4 1_555 -0.461 -0.192 0.040  6.546  -6.398 0.998 3 A_DC3:DG4_B  A 3 ? B 4 ? 19 1 
1 A DG  4 1_555 B DC  3 1_555 0.304  -0.103 -0.074 -6.059 -1.668 0.165 4 A_DG4:DC3_B  A 4 ? B 3 ? 19 1 
1 A DC  5 1_555 B BGM 2 1_555 -0.361 -0.151 -0.016 2.505  1.217  1.524 5 A_DC5:BGM2_B A 5 ? B 2 ? 19 1 
1 A DG  6 1_555 B DC  1 1_555 0.300  -0.156 0.235  -0.452 6.965  1.549 6 A_DG6:DC1_B  A 6 ? B 1 ? 19 1 
# 
loop_
_ndb_struct_na_base_pair_step.model_number 
_ndb_struct_na_base_pair_step.i_label_asym_id_1 
_ndb_struct_na_base_pair_step.i_label_comp_id_1 
_ndb_struct_na_base_pair_step.i_label_seq_id_1 
_ndb_struct_na_base_pair_step.i_symmetry_1 
_ndb_struct_na_base_pair_step.j_label_asym_id_1 
_ndb_struct_na_base_pair_step.j_label_comp_id_1 
_ndb_struct_na_base_pair_step.j_label_seq_id_1 
_ndb_struct_na_base_pair_step.j_symmetry_1 
_ndb_struct_na_base_pair_step.i_label_asym_id_2 
_ndb_struct_na_base_pair_step.i_label_comp_id_2 
_ndb_struct_na_base_pair_step.i_label_seq_id_2 
_ndb_struct_na_base_pair_step.i_symmetry_2 
_ndb_struct_na_base_pair_step.j_label_asym_id_2 
_ndb_struct_na_base_pair_step.j_label_comp_id_2 
_ndb_struct_na_base_pair_step.j_label_seq_id_2 
_ndb_struct_na_base_pair_step.j_symmetry_2 
_ndb_struct_na_base_pair_step.shift 
_ndb_struct_na_base_pair_step.slide 
_ndb_struct_na_base_pair_step.rise 
_ndb_struct_na_base_pair_step.tilt 
_ndb_struct_na_base_pair_step.roll 
_ndb_struct_na_base_pair_step.twist 
_ndb_struct_na_base_pair_step.x_displacement 
_ndb_struct_na_base_pair_step.y_displacement 
_ndb_struct_na_base_pair_step.helical_rise 
_ndb_struct_na_base_pair_step.inclination 
_ndb_struct_na_base_pair_step.tip 
_ndb_struct_na_base_pair_step.helical_twist 
_ndb_struct_na_base_pair_step.step_number 
_ndb_struct_na_base_pair_step.step_name 
_ndb_struct_na_base_pair_step.i_auth_asym_id_1 
_ndb_struct_na_base_pair_step.i_auth_seq_id_1 
_ndb_struct_na_base_pair_step.i_PDB_ins_code_1 
_ndb_struct_na_base_pair_step.j_auth_asym_id_1 
_ndb_struct_na_base_pair_step.j_auth_seq_id_1 
_ndb_struct_na_base_pair_step.j_PDB_ins_code_1 
_ndb_struct_na_base_pair_step.i_auth_asym_id_2 
_ndb_struct_na_base_pair_step.i_auth_seq_id_2 
_ndb_struct_na_base_pair_step.i_PDB_ins_code_2 
_ndb_struct_na_base_pair_step.j_auth_asym_id_2 
_ndb_struct_na_base_pair_step.j_auth_seq_id_2 
_ndb_struct_na_base_pair_step.j_PDB_ins_code_2 
1 A DC  1 1_555 B DG  6 1_555 A BGM 2 1_555 B DC  5 1_555 -0.177 5.395  3.572 1.452  1.570  -9.439  -34.991 1.738  2.637 -9.385 
8.678  -9.678  1 AA_DC1BGM2:DC5DG6_BB A 1 ? B 6 ? A 2 ? B 5 ? 
1 A BGM 2 1_555 B DC  5 1_555 A DC  3 1_555 B DG  4 1_555 -0.505 -1.177 3.351 -0.681 -2.259 -50.264 1.548   -0.643 3.292 2.658  
-0.801 -50.316 2 AA_BGM2DC3:DG4DC5_BB A 2 ? B 5 ? A 3 ? B 4 ? 
1 A DC  3 1_555 B DG  4 1_555 A DG  4 1_555 B DC  3 1_555 0.055  5.329  3.760 2.792  -3.876 -3.701  -14.888 26.214 5.696 42.399 
30.542 -6.042  3 AA_DC3DG4:DC3DG4_BB  A 3 ? B 4 ? A 4 ? B 3 ? 
1 A DG  4 1_555 B DC  3 1_555 A DC  5 1_555 B BGM 2 1_555 0.201  -1.183 3.264 -0.092 -4.961 -50.375 1.728   0.229  3.142 5.812  
-0.108 -50.603 4 AA_DG4DC5:BGM2DC3_BB A 4 ? B 3 ? A 5 ? B 2 ? 
1 A DC  5 1_555 B BGM 2 1_555 A DG  6 1_555 B DC  1 1_555 0.033  5.476  3.538 0.250  0.860  -9.699  -33.960 0.690  3.040 -5.071 
1.476  -9.740  5 AA_DC5DG6:DC1BGM2_BB A 5 ? B 2 ? A 6 ? B 1 ? 
# 
_pdbx_audit_support.funding_organization   'Swiss National Science Foundation' 
_pdbx_audit_support.country                Switzerland 
_pdbx_audit_support.grant_number           ? 
_pdbx_audit_support.ordinal                1 
# 
_atom_sites.entry_id                    4XSN 
_atom_sites.fract_transf_matrix[1][1]   -0.02311596 
_atom_sites.fract_transf_matrix[1][2]   -0.04295036 
_atom_sites.fract_transf_matrix[1][3]   -0.02122548 
_atom_sites.fract_transf_matrix[2][1]   0.02050577 
_atom_sites.fract_transf_matrix[2][2]   0.00254943 
_atom_sites.fract_transf_matrix[2][3]   -0.02749099 
_atom_sites.fract_transf_matrix[3][1]   0.01559679 
_atom_sites.fract_transf_matrix[3][2]   -0.01352370 
_atom_sites.fract_transf_matrix[3][3]   0.01037964 
_atom_sites.fract_transf_vector[1]      0.787477 
_atom_sites.fract_transf_vector[2]      0.511463 
_atom_sites.fract_transf_vector[3]      0.619196 
# 
loop_
_atom_type.symbol 
BR 
C  
CU 
N  
O  
P  
# 
loop_
_atom_site.group_PDB 
_atom_site.id 
_atom_site.type_symbol 
_atom_site.label_atom_id 
_atom_site.label_alt_id 
_atom_site.label_comp_id 
_atom_site.label_asym_id 
_atom_site.label_entity_id 
_atom_site.label_seq_id 
_atom_site.pdbx_PDB_ins_code 
_atom_site.Cartn_x 
_atom_site.Cartn_y 
_atom_site.Cartn_z 
_atom_site.occupancy 
_atom_site.B_iso_or_equiv 
_atom_site.pdbx_formal_charge 
_atom_site.auth_seq_id 
_atom_site.auth_comp_id 
_atom_site.auth_asym_id 
_atom_site.auth_atom_id 
_atom_site.pdbx_PDB_model_num 
ATOM   1   O  "O5'" . DC  A 1 1 ? -6.977  1.120   -9.180  1.00 14.85  ? 1   DC  A "O5'" 1 
ATOM   2   C  "C5'" . DC  A 1 1 ? -7.295  0.232   -8.089  1.00 15.53  ? 1   DC  A "C5'" 1 
ATOM   3   C  "C4'" . DC  A 1 1 ? -7.516  0.977   -6.776  1.00 14.26  ? 1   DC  A "C4'" 1 
ATOM   4   O  "O4'" . DC  A 1 1 ? -6.268  1.629   -6.432  1.00 14.01  ? 1   DC  A "O4'" 1 
ATOM   5   C  "C3'" . DC  A 1 1 ? -8.527  2.097   -6.745  1.00 15.29  ? 1   DC  A "C3'" 1 
ATOM   6   O  "O3'" . DC  A 1 1 ? -9.205  2.223   -5.499  1.00 16.12  ? 1   DC  A "O3'" 1 
ATOM   7   C  "C2'" . DC  A 1 1 ? -7.734  3.360   -6.903  1.00 14.82  ? 1   DC  A "C2'" 1 
ATOM   8   C  "C1'" . DC  A 1 1 ? -6.404  2.998   -6.197  1.00 14.22  ? 1   DC  A "C1'" 1 
ATOM   9   N  N1    . DC  A 1 1 ? -5.325  3.809   -6.763  1.00 13.84  ? 1   DC  A N1    1 
ATOM   10  C  C2    . DC  A 1 1 ? -4.971  5.024   -6.148  1.00 12.67  ? 1   DC  A C2    1 
ATOM   11  O  O2    . DC  A 1 1 ? -5.592  5.388   -5.120  1.00 15.79  ? 1   DC  A O2    1 
ATOM   12  N  N3    . DC  A 1 1 ? -3.967  5.750   -6.707  1.00 13.51  ? 1   DC  A N3    1 
ATOM   13  C  C4    . DC  A 1 1 ? -3.347  5.298   -7.815  1.00 12.22  ? 1   DC  A C4    1 
ATOM   14  N  N4    . DC  A 1 1 ? -2.354  6.044   -8.348  1.00 13.86  ? 1   DC  A N4    1 
ATOM   15  C  C5    . DC  A 1 1 ? -3.717  4.078   -8.408  1.00 13.51  ? 1   DC  A C5    1 
ATOM   16  C  C6    . DC  A 1 1 ? -4.701  3.349   -7.888  1.00 14.41  ? 1   DC  A C6    1 
HETATM 17  P  P     . BGM A 1 2 ? -10.538 1.411   -5.106  1.00 16.18  ? 2   BGM A P     1 
HETATM 18  O  OP1   . BGM A 1 2 ? -11.459 1.356   -6.311  1.00 17.89  ? 2   BGM A OP1   1 
HETATM 19  O  OP2   . BGM A 1 2 ? -11.002 2.097   -3.873  1.00 16.60  ? 2   BGM A OP2   1 
HETATM 20  O  "O5'" . BGM A 1 2 ? -10.029 -0.096  -4.830  1.00 15.11  ? 2   BGM A "O5'" 1 
HETATM 21  C  "C5'" . BGM A 1 2 ? -9.118  -0.275  -3.731  1.00 16.42  ? 2   BGM A "C5'" 1 
HETATM 22  C  "C4'" . BGM A 1 2 ? -8.681  -1.717  -3.701  1.00 16.15  ? 2   BGM A "C4'" 1 
HETATM 23  O  "O4'" . BGM A 1 2 ? -7.993  -2.015  -4.936  1.00 15.44  ? 2   BGM A "O4'" 1 
HETATM 24  C  "C1'" . BGM A 1 2 ? -6.960  -2.965  -4.678  1.00 15.83  ? 2   BGM A "C1'" 1 
HETATM 25  N  N9    . BGM A 1 2 ? -5.812  -2.417  -5.422  1.00 15.34  ? 2   BGM A N9    1 
HETATM 26  C  C8    . BGM A 1 2 ? -5.288  -2.874  -6.583  1.00 16.99  ? 2   BGM A C8    1 
HETATM 27  N  N7    . BGM A 1 2 ? -4.354  -2.134  -7.125  1.00 17.04  ? 2   BGM A N7    1 
HETATM 28  C  C5    . BGM A 1 2 ? -4.250  -1.081  -6.215  1.00 13.28  ? 2   BGM A C5    1 
HETATM 29  C  C4    . BGM A 1 2 ? -5.165  -1.228  -5.188  1.00 15.67  ? 2   BGM A C4    1 
HETATM 30  N  N3    . BGM A 1 2 ? -5.446  -0.338  -4.219  1.00 14.17  ? 2   BGM A N3    1 
HETATM 31  C  C2    . BGM A 1 2 ? -4.623  0.694   -4.255  1.00 13.42  ? 2   BGM A C2    1 
HETATM 32  N  N2    . BGM A 1 2 ? -4.657  1.671   -3.324  1.00 12.90  ? 2   BGM A N2    1 
HETATM 33  N  N1    . BGM A 1 2 ? -3.596  0.938   -5.186  1.00 12.39  ? 2   BGM A N1    1 
HETATM 34  C  C6    . BGM A 1 2 ? -3.357  0.034   -6.250  1.00 13.20  ? 2   BGM A C6    1 
HETATM 35  O  O6    . BGM A 1 2 ? -2.413  0.300   -7.010  1.00 14.60  ? 2   BGM A O6    1 
HETATM 36  C  "C2'" . BGM A 1 2 ? -6.778  -3.085  -3.191  1.00 16.49  ? 2   BGM A "C2'" 1 
HETATM 37  C  "C3'" . BGM A 1 2 ? -7.700  -2.083  -2.600  1.00 16.67  ? 2   BGM A "C3'" 1 
HETATM 38  O  "O3'" . BGM A 1 2 ? -8.488  -2.590  -1.524  1.00 18.85  ? 2   BGM A "O3'" 1 
HETATM 39  BR BR    . BGM A 1 2 ? -5.740  -4.559  -7.279  1.00 23.06  ? 2   BGM A BR    1 
ATOM   40  P  P     . DC  A 1 3 ? -8.042  -2.156  -0.036  1.00 18.89  ? 3   DC  A P     1 
ATOM   41  O  OP1   . DC  A 1 3 ? -8.836  -2.950  0.934   1.00 19.82  ? 3   DC  A OP1   1 
ATOM   42  O  OP2   . DC  A 1 3 ? -8.229  -0.666  0.054   1.00 20.41  ? 3   DC  A OP2   1 
ATOM   43  O  "O5'" . DC  A 1 3 ? -6.505  -2.549  0.013   1.00 18.07  ? 3   DC  A "O5'" 1 
ATOM   44  C  "C5'" . DC  A 1 3 ? -5.845  -2.752  1.283   1.00 15.45  ? 3   DC  A "C5'" 1 
ATOM   45  C  "C4'" . DC  A 1 3 ? -4.738  -1.720  1.434   1.00 14.49  ? 3   DC  A "C4'" 1 
ATOM   46  O  "O4'" . DC  A 1 3 ? -3.676  -2.061  0.466   1.00 14.75  ? 3   DC  A "O4'" 1 
ATOM   47  C  "C3'" . DC  A 1 3 ? -5.030  -0.266  1.154   1.00 15.05  ? 3   DC  A "C3'" 1 
ATOM   48  O  "O3'" . DC  A 1 3 ? -4.417  0.611   2.097   1.00 20.59  ? 3   DC  A "O3'" 1 
ATOM   49  C  "C2'" . DC  A 1 3 ? -4.395  0.084   -0.173  1.00 13.87  ? 3   DC  A "C2'" 1 
ATOM   50  C  "C1'" . DC  A 1 3 ? -3.198  -0.857  -0.154  1.00 13.58  ? 3   DC  A "C1'" 1 
ATOM   51  N  N1    . DC  A 1 3 ? -2.628  -1.230  -1.469  1.00 12.44  ? 3   DC  A N1    1 
ATOM   52  C  C2    . DC  A 1 3 ? -1.667  -0.421  -2.053  1.00 13.45  ? 3   DC  A C2    1 
ATOM   53  O  O2    . DC  A 1 3 ? -1.326  0.600   -1.411  1.00 13.80  ? 3   DC  A O2    1 
ATOM   54  N  N3    . DC  A 1 3 ? -1.187  -0.808  -3.260  1.00 12.58  ? 3   DC  A N3    1 
ATOM   55  C  C4    . DC  A 1 3 ? -1.613  -1.916  -3.892  1.00 13.44  ? 3   DC  A C4    1 
ATOM   56  N  N4    . DC  A 1 3 ? -1.098  -2.229  -5.070  1.00 17.09  ? 3   DC  A N4    1 
ATOM   57  C  C5    . DC  A 1 3 ? -2.604  -2.758  -3.314  1.00 13.24  ? 3   DC  A C5    1 
ATOM   58  C  C6    . DC  A 1 3 ? -3.052  -2.341  -2.121  1.00 11.09  ? 3   DC  A C6    1 
ATOM   59  P  P     . DG  A 1 4 ? -5.101  0.989   3.496   1.00 22.54  ? 4   DG  A P     1 
ATOM   60  O  OP1   . DG  A 1 4 ? -6.494  1.385   3.228   1.00 25.42  ? 4   DG  A OP1   1 
ATOM   61  O  OP2   . DG  A 1 4 ? -4.120  1.960   4.081   1.00 24.23  ? 4   DG  A OP2   1 
ATOM   62  O  "O5'" . DG  A 1 4 ? -5.194  -0.378  4.326   1.00 21.61  ? 4   DG  A "O5'" 1 
ATOM   63  C  "C5'" . DG  A 1 4 ? -3.998  -0.841  4.945   1.00 22.12  ? 4   DG  A "C5'" 1 
ATOM   64  C  "C4'" . DG  A 1 4 ? -4.460  -2.111  5.645   1.00 18.62  ? 4   DG  A "C4'" 1 
ATOM   65  O  "O4'" . DG  A 1 4 ? -5.050  -3.018  4.740   1.00 16.29  ? 4   DG  A "O4'" 1 
ATOM   66  C  "C3'" . DG  A 1 4 ? -3.248  -2.769  6.268   1.00 18.14  ? 4   DG  A "C3'" 1 
ATOM   67  O  "O3'" . DG  A 1 4 ? -3.299  -2.490  7.663   1.00 17.94  ? 4   DG  A "O3'" 1 
ATOM   68  C  "C2'" . DG  A 1 4 ? -3.365  -4.226  5.939   1.00 16.74  ? 4   DG  A "C2'" 1 
ATOM   69  C  "C1'" . DG  A 1 4 ? -4.468  -4.346  4.906   1.00 15.49  ? 4   DG  A "C1'" 1 
ATOM   70  N  N9    . DG  A 1 4 ? -3.999  -4.859  3.605   1.00 14.57  ? 4   DG  A N9    1 
ATOM   71  C  C8    . DG  A 1 4 ? -4.468  -5.959  2.917   1.00 14.33  ? 4   DG  A C8    1 
ATOM   72  N  N7    . DG  A 1 4 ? -3.846  -6.156  1.783   1.00 14.75  ? 4   DG  A N7    1 
ATOM   73  C  C5    . DG  A 1 4 ? -2.904  -5.109  1.737   1.00 13.43  ? 4   DG  A C5    1 
ATOM   74  C  C6    . DG  A 1 4 ? -1.949  -4.817  0.734   1.00 13.57  ? 4   DG  A C6    1 
ATOM   75  O  O6    . DG  A 1 4 ? -1.747  -5.446  -0.330  1.00 15.70  ? 4   DG  A O6    1 
ATOM   76  N  N1    . DG  A 1 4 ? -1.173  -3.690  1.020   1.00 12.88  ? 4   DG  A N1    1 
ATOM   77  C  C2    . DG  A 1 4 ? -1.332  -2.946  2.168   1.00 12.14  ? 4   DG  A C2    1 
ATOM   78  N  N2    . DG  A 1 4 ? -0.527  -1.876  2.341   1.00 13.34  ? 4   DG  A N2    1 
ATOM   79  N  N3    . DG  A 1 4 ? -2.224  -3.215  3.109   1.00 13.69  ? 4   DG  A N3    1 
ATOM   80  C  C4    . DG  A 1 4 ? -2.988  -4.311  2.842   1.00 14.10  ? 4   DG  A C4    1 
ATOM   81  P  P     . DC  A 1 5 ? -2.169  -1.545  8.314   1.00 19.18  ? 5   DC  A P     1 
ATOM   82  O  OP1   . DC  A 1 5 ? -2.299  -1.657  9.824   1.00 20.48  ? 5   DC  A OP1   1 
ATOM   83  O  OP2   . DC  A 1 5 ? -2.164  -0.194  7.761   1.00 22.07  ? 5   DC  A OP2   1 
ATOM   84  O  "O5'" . DC  A 1 5 ? -0.832  -2.288  7.943   1.00 17.17  ? 5   DC  A "O5'" 1 
ATOM   85  C  "C5'" . DC  A 1 5 ? 0.350   -1.973  8.699   1.00 16.66  ? 5   DC  A "C5'" 1 
ATOM   86  C  "C4'" . DC  A 1 5 ? 1.499   -1.773  7.774   1.00 16.27  ? 5   DC  A "C4'" 1 
ATOM   87  O  "O4'" . DC  A 1 5 ? 1.709   -3.006  7.038   1.00 16.61  ? 5   DC  A "O4'" 1 
ATOM   88  C  "C3'" . DC  A 1 5 ? 1.314   -0.707  6.701   1.00 17.27  ? 5   DC  A "C3'" 1 
ATOM   89  O  "O3'" . DC  A 1 5 ? 2.434   0.141   6.505   1.00 21.01  ? 5   DC  A "O3'" 1 
ATOM   90  C  "C2'" . DC  A 1 5 ? 1.102   -1.498  5.424   1.00 15.85  ? 5   DC  A "C2'" 1 
ATOM   91  C  "C1'" . DC  A 1 5 ? 1.936   -2.753  5.673   1.00 16.41  ? 5   DC  A "C1'" 1 
ATOM   92  N  N1    . DC  A 1 5 ? 1.482   -3.833  4.801   1.00 16.09  ? 5   DC  A N1    1 
ATOM   93  C  C2    . DC  A 1 5 ? 2.043   -4.015  3.539   1.00 15.19  ? 5   DC  A C2    1 
ATOM   94  O  O2    . DC  A 1 5 ? 2.941   -3.243  3.181   1.00 18.35  ? 5   DC  A O2    1 
ATOM   95  N  N3    . DC  A 1 5 ? 1.579   -5.021  2.790   1.00 15.76  ? 5   DC  A N3    1 
ATOM   96  C  C4    . DC  A 1 5 ? 0.600   -5.848  3.197   1.00 14.87  ? 5   DC  A C4    1 
ATOM   97  N  N4    . DC  A 1 5 ? 0.206   -6.817  2.369   1.00 13.51  ? 5   DC  A N4    1 
ATOM   98  C  C5    . DC  A 1 5 ? -0.005  -5.684  4.479   1.00 15.62  ? 5   DC  A C5    1 
ATOM   99  C  C6    . DC  A 1 5 ? 0.480   -4.663  5.244   1.00 15.23  ? 5   DC  A C6    1 
ATOM   100 P  P     . DG  A 1 6 ? 2.672   1.459   7.364   1.00 23.71  ? 6   DG  A P     1 
ATOM   101 O  OP1   . DG  A 1 6 ? 1.443   2.276   7.433   1.00 26.17  ? 6   DG  A OP1   1 
ATOM   102 O  OP2   . DG  A 1 6 ? 3.884   2.117   6.809   1.00 26.36  ? 6   DG  A OP2   1 
ATOM   103 O  "O5'" . DG  A 1 6 ? 2.929   0.878   8.837   1.00 22.87  ? 6   DG  A "O5'" 1 
ATOM   104 C  "C5'" . DG  A 1 6 ? 4.163   0.186   8.991   1.00 23.62  ? 6   DG  A "C5'" 1 
ATOM   105 C  "C4'" . DG  A 1 6 ? 4.254   -0.318  10.403  1.00 21.82  ? 6   DG  A "C4'" 1 
ATOM   106 O  "O4'" . DG  A 1 6 ? 3.245   -1.214  10.799  1.00 20.06  ? 6   DG  A "O4'" 1 
ATOM   107 C  "C3'" . DG  A 1 6 ? 5.566   -1.109  10.470  1.00 22.88  ? 6   DG  A "C3'" 1 
ATOM   108 O  "O3'" . DG  A 1 6 ? 6.624   -0.183  10.732  1.00 25.64  ? 6   DG  A "O3'" 1 
ATOM   109 C  "C2'" . DG  A 1 6 ? 5.269   -2.118  11.528  1.00 20.50  ? 6   DG  A "C2'" 1 
ATOM   110 C  "C1'" . DG  A 1 6 ? 3.787   -2.269  11.595  1.00 19.81  ? 6   DG  A "C1'" 1 
ATOM   111 N  N9    . DG  A 1 6 ? 3.188   -3.474  10.987  1.00 17.16  ? 6   DG  A N9    1 
ATOM   112 C  C8    . DG  A 1 6 ? 2.228   -4.296  11.552  1.00 16.45  ? 6   DG  A C8    1 
ATOM   113 N  N7    . DG  A 1 6 ? 1.877   -5.295  10.793  1.00 16.63  ? 6   DG  A N7    1 
ATOM   114 C  C5    . DG  A 1 6 ? 2.674   -5.096  9.648   1.00 16.05  ? 6   DG  A C5    1 
ATOM   115 C  C6    . DG  A 1 6 ? 2.750   -5.855  8.461   1.00 12.27  ? 6   DG  A C6    1 
ATOM   116 O  O6    . DG  A 1 6 ? 2.100   -6.887  8.182   1.00 17.52  ? 6   DG  A O6    1 
ATOM   117 N  N1    . DG  A 1 6 ? 3.654   -5.366  7.535   1.00 14.30  ? 6   DG  A N1    1 
ATOM   118 C  C2    . DG  A 1 6 ? 4.416   -4.237  7.742   1.00 15.12  ? 6   DG  A C2    1 
ATOM   119 N  N2    . DG  A 1 6 ? 5.224   -3.950  6.702   1.00 15.56  ? 6   DG  A N2    1 
ATOM   120 N  N3    . DG  A 1 6 ? 4.354   -3.527  8.839   1.00 14.67  ? 6   DG  A N3    1 
ATOM   121 C  C4    . DG  A 1 6 ? 3.482   -3.981  9.758   1.00 15.74  ? 6   DG  A C4    1 
ATOM   122 O  "O5'" . DC  B 1 1 ? 6.165   -9.745  0.366   1.00 25.27  ? 1   DC  B "O5'" 1 
ATOM   123 C  "C5'" . DC  B 1 1 ? 6.398   -8.800  -0.688  1.00 20.23  ? 1   DC  B "C5'" 1 
ATOM   124 C  "C4'" . DC  B 1 1 ? 6.672   -7.453  -0.053  1.00 19.16  ? 1   DC  B "C4'" 1 
ATOM   125 O  "O4'" . DC  B 1 1 ? 5.464   -7.015  0.661   1.00 18.45  ? 1   DC  B "O4'" 1 
ATOM   126 C  "C3'" . DC  B 1 1 ? 7.792   -7.401  0.954   1.00 18.66  ? 1   DC  B "C3'" 1 
ATOM   127 O  "O3'" . DC  B 1 1 ? 8.578   -6.217  0.862   1.00 18.80  ? 1   DC  B "O3'" 1 
ATOM   128 C  "C2'" . DC  B 1 1 ? 7.080   -7.420  2.291   1.00 18.23  ? 1   DC  B "C2'" 1 
ATOM   129 C  "C1'" . DC  B 1 1 ? 5.782   -6.650  1.956   1.00 17.69  ? 1   DC  B "C1'" 1 
ATOM   130 N  N1    . DC  B 1 1 ? 4.748   -7.040  2.916   1.00 17.05  ? 1   DC  B N1    1 
ATOM   131 C  C2    . DC  B 1 1 ? 4.646   -6.369  4.131   1.00 16.54  ? 1   DC  B C2    1 
ATOM   132 O  O2    . DC  B 1 1 ? 5.425   -5.438  4.392   1.00 16.83  ? 1   DC  B O2    1 
ATOM   133 N  N3    . DC  B 1 1 ? 3.676   -6.774  4.969   1.00 16.34  ? 1   DC  B N3    1 
ATOM   134 C  C4    . DC  B 1 1 ? 2.862   -7.789  4.653   1.00 16.40  ? 1   DC  B C4    1 
ATOM   135 N  N4    . DC  B 1 1 ? 1.921   -8.129  5.547   1.00 18.96  ? 1   DC  B N4    1 
ATOM   136 C  C5    . DC  B 1 1 ? 2.953   -8.472  3.421   1.00 16.68  ? 1   DC  B C5    1 
ATOM   137 C  C6    . DC  B 1 1 ? 3.913   -8.059  2.604   1.00 16.71  ? 1   DC  B C6    1 
HETATM 138 P  P     . BGM B 1 2 ? 9.797   -5.935  -0.092  1.00 17.67  ? 2   BGM B P     1 
HETATM 139 O  OP1   . BGM B 1 2 ? 10.549  -7.214  -0.368  1.00 18.70  ? 2   BGM B OP1   1 
HETATM 140 O  OP2   . BGM B 1 2 ? 10.537  -4.711  0.352   1.00 18.69  ? 2   BGM B OP2   1 
HETATM 141 O  "O5'" . BGM B 1 2 ? 9.102   -5.617  -1.518  1.00 17.00  ? 2   BGM B "O5'" 1 
HETATM 142 C  "C5'" . BGM B 1 2 ? 8.324   -4.401  -1.684  1.00 15.08  ? 2   BGM B "C5'" 1 
HETATM 143 C  "C4'" . BGM B 1 2 ? 7.734   -4.396  -3.066  1.00 13.86  ? 2   BGM B "C4'" 1 
HETATM 144 O  "O4'" . BGM B 1 2 ? 6.974   -5.614  -3.233  1.00 14.02  ? 2   BGM B "O4'" 1 
HETATM 145 C  "C1'" . BGM B 1 2 ? 5.828   -5.376  -4.022  1.00 14.68  ? 2   BGM B "C1'" 1 
HETATM 146 N  N9    . BGM B 1 2 ? 4.669   -5.931  -3.295  1.00 13.51  ? 2   BGM B N9    1 
HETATM 147 C  C8    . BGM B 1 2 ? 3.885   -6.971  -3.713  1.00 14.64  ? 2   BGM B C8    1 
HETATM 148 N  N7    . BGM B 1 2 ? 3.015   -7.360  -2.785  1.00 16.49  ? 2   BGM B N7    1 
HETATM 149 C  C5    . BGM B 1 2 ? 3.112   -6.387  -1.835  1.00 13.19  ? 2   BGM B C5    1 
HETATM 150 C  C4    . BGM B 1 2 ? 4.191   -5.577  -2.077  1.00 13.36  ? 2   BGM B C4    1 
HETATM 151 N  N3    . BGM B 1 2 ? 4.659   -4.544  -1.360  1.00 13.44  ? 2   BGM B N3    1 
HETATM 152 C  C2    . BGM B 1 2 ? 4.026   -4.447  -0.206  1.00 15.35  ? 2   BGM B C2    1 
HETATM 153 N  N2    . BGM B 1 2 ? 4.362   -3.458  0.691   1.00 13.65  ? 2   BGM B N2    1 
HETATM 154 N  N1    . BGM B 1 2 ? 2.931   -5.250  0.146   1.00 16.81  ? 2   BGM B N1    1 
HETATM 155 C  C6    . BGM B 1 2 ? 2.482   -6.371  -0.550  1.00 16.41  ? 2   BGM B C6    1 
HETATM 156 O  O6    . BGM B 1 2 ? 1.492   -7.028  -0.206  1.00 17.26  ? 2   BGM B O6    1 
HETATM 157 C  "C2'" . BGM B 1 2 ? 5.685   -3.875  -4.284  1.00 14.83  ? 2   BGM B "C2'" 1 
HETATM 158 C  "C3'" . BGM B 1 2 ? 6.749   -3.275  -3.377  1.00 14.59  ? 2   BGM B "C3'" 1 
HETATM 159 O  "O3'" . BGM B 1 2 ? 7.544   -2.226  -3.937  1.00 14.87  ? 2   BGM B "O3'" 1 
HETATM 160 BR BR    . BGM B 1 2 ? 4.136   -7.959  -5.309  1.00 17.46  ? 2   BGM B BR    1 
ATOM   161 P  P     A DC  B 1 3 ? 6.986   -0.872  -4.569  0.70 14.41  ? 3   DC  B P     1 
ATOM   162 P  P     B DC  B 1 3 ? 7.603   -0.777  -3.278  0.30 15.86  ? 3   DC  B P     1 
ATOM   163 O  OP1   A DC  B 1 3 ? 6.105   -1.181  -5.770  0.70 14.55  ? 3   DC  B OP1   1 
ATOM   164 O  OP1   B DC  B 1 3 ? 8.388   0.112   -4.200  0.30 15.86  ? 3   DC  B OP1   1 
ATOM   165 O  OP2   A DC  B 1 3 ? 8.152   -0.023  -4.860  0.70 14.62  ? 3   DC  B OP2   1 
ATOM   166 O  OP2   B DC  B 1 3 ? 8.151   -0.883  -1.895  0.30 16.41  ? 3   DC  B OP2   1 
ATOM   167 O  "O5'" . DC  B 1 3 ? 6.069   -0.331  -3.366  1.00 14.82  ? 3   DC  B "O5'" 1 
ATOM   168 C  "C5'" . DC  B 1 3 ? 5.573   0.997   -3.599  1.00 14.27  ? 3   DC  B "C5'" 1 
ATOM   169 C  "C4'" . DC  B 1 3 ? 4.543   1.371   -2.552  1.00 13.22  ? 3   DC  B "C4'" 1 
ATOM   170 O  "O4'" . DC  B 1 3 ? 3.361   0.535   -2.757  1.00 12.76  ? 3   DC  B "O4'" 1 
ATOM   171 C  "C3'" . DC  B 1 3 ? 4.914   1.159   -1.111  1.00 14.08  ? 3   DC  B "C3'" 1 
ATOM   172 O  "O3'" . DC  B 1 3 ? 4.424   2.244   -0.352  1.00 15.54  ? 3   DC  B "O3'" 1 
ATOM   173 C  "C2'" . DC  B 1 3 ? 4.210   -0.094  -0.641  1.00 13.47  ? 3   DC  B "C2'" 1 
ATOM   174 C  "C1'" . DC  B 1 3 ? 2.955   0.012   -1.477  1.00 13.24  ? 3   DC  B "C1'" 1 
ATOM   175 N  N1    . DC  B 1 3 ? 2.248   -1.249  -1.766  1.00 12.90  ? 3   DC  B N1    1 
ATOM   176 C  C2    . DC  B 1 3 ? 1.370   -1.747  -0.817  1.00 13.31  ? 3   DC  B C2    1 
ATOM   177 O  O2    . DC  B 1 3 ? 1.208   -1.107  0.224   1.00 15.14  ? 3   DC  B O2    1 
ATOM   178 N  N3    . DC  B 1 3 ? 0.726   -2.876  -1.068  1.00 13.76  ? 3   DC  B N3    1 
ATOM   179 C  C4    . DC  B 1 3 ? 0.916   -3.545  -2.198  1.00 13.31  ? 3   DC  B C4    1 
ATOM   180 N  N4    . DC  B 1 3 ? 0.226   -4.691  -2.380  1.00 13.92  ? 3   DC  B N4    1 
ATOM   181 C  C5    . DC  B 1 3 ? 1.815   -3.073  -3.190  1.00 15.49  ? 3   DC  B C5    1 
ATOM   182 C  C6    . DC  B 1 3 ? 2.458   -1.919  -2.937  1.00 14.12  ? 3   DC  B C6    1 
ATOM   183 P  P     . DG  B 1 4 ? 5.261   3.568   0.012   1.00 15.62  ? 4   DG  B P     1 
ATOM   184 O  OP1   . DG  B 1 4 ? 6.580   3.114   0.373   1.00 16.98  ? 4   DG  B OP1   1 
ATOM   185 O  OP2   . DG  B 1 4 ? 4.370   4.367   0.928   1.00 17.30  ? 4   DG  B OP2   1 
ATOM   186 O  "O5'" . DG  B 1 4 ? 5.377   4.340   -1.380  1.00 13.84  ? 4   DG  B "O5'" 1 
ATOM   187 C  "C5'" . DG  B 1 4 ? 4.210   4.950   -1.967  1.00 12.86  ? 4   DG  B "C5'" 1 
ATOM   188 C  "C4'" . DG  B 1 4 ? 4.641   5.455   -3.332  1.00 13.47  ? 4   DG  B "C4'" 1 
ATOM   189 O  "O4'" . DG  B 1 4 ? 5.033   4.338   -4.134  1.00 13.86  ? 4   DG  B "O4'" 1 
ATOM   190 C  "C3'" . DG  B 1 4 ? 3.532   6.181   -4.068  1.00 13.85  ? 4   DG  B "C3'" 1 
ATOM   191 O  "O3'" . DG  B 1 4 ? 3.672   7.603   -4.059  1.00 13.30  ? 4   DG  B "O3'" 1 
ATOM   192 C  "C2'" . DG  B 1 4 ? 3.644   5.713   -5.490  1.00 13.20  ? 4   DG  B "C2'" 1 
ATOM   193 C  "C1'" . DG  B 1 4 ? 4.523   4.469   -5.459  1.00 13.10  ? 4   DG  B "C1'" 1 
ATOM   194 N  N9    . DG  B 1 4 ? 3.820   3.199   -5.791  1.00 12.56  ? 4   DG  B N9    1 
ATOM   195 C  C8    . DG  B 1 4 ? 4.120   2.354   -6.839  1.00 13.31  ? 4   DG  B C8    1 
ATOM   196 N  N7    . DG  B 1 4 ? 3.322   1.299   -6.876  1.00 12.86  ? 4   DG  B N7    1 
ATOM   197 C  C5    . DG  B 1 4 ? 2.469   1.493   -5.787  1.00 12.43  ? 4   DG  B C5    1 
ATOM   198 C  C6    . DG  B 1 4 ? 1.429   0.626   -5.406  1.00 11.00  ? 4   DG  B C6    1 
ATOM   199 O  O6    . DG  B 1 4 ? 1.145   -0.444  -6.017  1.00 12.68  ? 4   DG  B O6    1 
ATOM   200 N  N1    . DG  B 1 4 ? 0.793   1.116   -4.299  1.00 10.78  ? 4   DG  B N1    1 
ATOM   201 C  C2    . DG  B 1 4 ? 1.121   2.298   -3.633  1.00 12.24  ? 4   DG  B C2    1 
ATOM   202 N  N2    . DG  B 1 4 ? 0.373   2.611   -2.555  1.00 12.92  ? 4   DG  B N2    1 
ATOM   203 N  N3    . DG  B 1 4 ? 2.095   3.100   -4.007  1.00 12.32  ? 4   DG  B N3    1 
ATOM   204 C  C4    . DG  B 1 4 ? 2.755   2.653   -5.104  1.00 12.08  ? 4   DG  B C4    1 
ATOM   205 P  P     . DC  B 1 5 ? 3.087   8.537   -2.898  1.00 13.58  ? 5   DC  B P     1 
ATOM   206 O  OP1   . DC  B 1 5 ? 3.139   9.911   -3.433  1.00 13.09  ? 5   DC  B OP1   1 
ATOM   207 O  OP2   . DC  B 1 5 ? 3.742   8.230   -1.596  1.00 13.68  ? 5   DC  B OP2   1 
ATOM   208 O  "O5'" . DC  B 1 5 ? 1.542   8.052   -2.818  1.00 14.17  ? 5   DC  B "O5'" 1 
ATOM   209 C  "C5'" . DC  B 1 5 ? 0.510   9.027   -2.562  1.00 13.62  ? 5   DC  B "C5'" 1 
ATOM   210 C  "C4'" . DC  B 1 5 ? -0.732  8.265   -2.106  1.00 14.88  ? 5   DC  B "C4'" 1 
ATOM   211 O  "O4'" . DC  B 1 5 ? -1.245  7.556   -3.243  1.00 14.28  ? 5   DC  B "O4'" 1 
ATOM   212 C  "C3'" . DC  B 1 5 ? -0.532  7.208   -1.049  1.00 15.72  ? 5   DC  B "C3'" 1 
ATOM   213 O  "O3'" . DC  B 1 5 ? -1.550  7.238   -0.061  1.00 21.60  ? 5   DC  B "O3'" 1 
ATOM   214 C  "C2'" . DC  B 1 5 ? -0.624  5.865   -1.752  1.00 14.45  ? 5   DC  B "C2'" 1 
ATOM   215 C  "C1'" . DC  B 1 5 ? -1.553  6.212   -2.924  1.00 13.77  ? 5   DC  B "C1'" 1 
ATOM   216 N  N1    . DC  B 1 5 ? -1.319  5.312   -4.042  1.00 12.92  ? 5   DC  B N1    1 
ATOM   217 C  C2    . DC  B 1 5 ? -2.085  4.143   -4.137  1.00 12.46  ? 5   DC  B C2    1 
ATOM   218 O  O2    . DC  B 1 5 ? -2.929  3.953   -3.247  1.00 13.94  ? 5   DC  B O2    1 
ATOM   219 N  N3    . DC  B 1 5 ? -1.859  3.310   -5.169  1.00 13.60  ? 5   DC  B N3    1 
ATOM   220 C  C4    . DC  B 1 5 ? -0.913  3.577   -6.109  1.00 14.08  ? 5   DC  B C4    1 
ATOM   221 N  N4    . DC  B 1 5 ? -0.729  2.712   -7.119  1.00 13.84  ? 5   DC  B N4    1 
ATOM   222 C  C5    . DC  B 1 5 ? -0.137  4.775   -5.994  1.00 14.15  ? 5   DC  B C5    1 
ATOM   223 C  C6    . DC  B 1 5 ? -0.358  5.596   -4.976  1.00 14.32  ? 5   DC  B C6    1 
ATOM   224 P  P     . DG  B 1 6 ? -1.398  8.114   1.300   1.00 24.69  ? 6   DG  B P     1 
ATOM   225 O  OP1   . DG  B 1 6 ? -0.090  7.607   1.884   1.00 26.11  ? 6   DG  B OP1   1 
ATOM   226 O  OP2   . DG  B 1 6 ? -2.671  7.868   2.024   1.00 27.07  ? 6   DG  B OP2   1 
ATOM   227 O  "O5'" . DG  B 1 6 ? -1.219  9.626   0.879   1.00 22.67  ? 6   DG  B "O5'" 1 
ATOM   228 C  "C5'" . DG  B 1 6 ? -2.399  10.402  0.598   1.00 23.19  ? 6   DG  B "C5'" 1 
ATOM   229 C  "C4'" . DG  B 1 6 ? -2.013  11.728  0.022   1.00 18.93  ? 6   DG  B "C4'" 1 
ATOM   230 O  "O4'" . DG  B 1 6 ? -1.393  11.553  -1.264  1.00 17.38  ? 6   DG  B "O4'" 1 
ATOM   231 C  "C3'" . DG  B 1 6 ? -3.216  12.628  -0.192  1.00 19.41  ? 6   DG  B "C3'" 1 
ATOM   232 O  "O3'" . DG  B 1 6 ? -2.897  14.004  0.044   1.00 23.38  ? 6   DG  B "O3'" 1 
ATOM   233 C  "C2'" . DG  B 1 6 ? -3.566  12.295  -1.629  1.00 18.12  ? 6   DG  B "C2'" 1 
ATOM   234 C  "C1'" . DG  B 1 6 ? -2.188  12.254  -2.265  1.00 17.35  ? 6   DG  B "C1'" 1 
ATOM   235 N  N9    . DG  B 1 6 ? -1.946  11.497  -3.495  1.00 15.83  ? 6   DG  B N9    1 
ATOM   236 C  C8    . DG  B 1 6 ? -1.009  11.882  -4.415  1.00 12.85  ? 6   DG  B C8    1 
ATOM   237 N  N7    . DG  B 1 6 ? -0.966  11.043  -5.442  1.00 14.76  ? 6   DG  B N7    1 
ATOM   238 C  C5    . DG  B 1 6 ? -1.917  10.082  -5.167  1.00 15.04  ? 6   DG  B C5    1 
ATOM   239 C  C6    . DG  B 1 6 ? -2.286  8.950   -5.930  1.00 11.89  ? 6   DG  B C6    1 
ATOM   240 O  O6    . DG  B 1 6 ? -1.853  8.561   -7.012  1.00 15.22  ? 6   DG  B O6    1 
ATOM   241 N  N1    . DG  B 1 6 ? -3.299  8.228   -5.288  1.00 13.27  ? 6   DG  B N1    1 
ATOM   242 C  C2    . DG  B 1 6 ? -3.870  8.548   -4.079  1.00 13.86  ? 6   DG  B C2    1 
ATOM   243 N  N2    . DG  B 1 6 ? -4.826  7.702   -3.659  1.00 13.52  ? 6   DG  B N2    1 
ATOM   244 N  N3    . DG  B 1 6 ? -3.520  9.607   -3.373  1.00 13.98  ? 6   DG  B N3    1 
ATOM   245 C  C4    . DG  B 1 6 ? -2.544  10.343  -3.947  1.00 12.89  ? 6   DG  B C4    1 
HETATM 246 CU CU    . CU  C 2 . ? 0.580   11.219  -6.712  1.00 13.87  ? 101 CU  B CU    1 
HETATM 247 O  O     . HOH D 3 . ? -8.617  0.540   2.990   1.00 53.24  ? 101 HOH A O     1 
HETATM 248 O  O     . HOH D 3 . ? -2.153  2.078   6.722   1.00 44.50  ? 102 HOH A O     1 
HETATM 249 O  O     . HOH D 3 . ? 5.981   3.401   7.325   1.00 59.28  ? 103 HOH A O     1 
HETATM 250 O  O     . HOH D 3 . ? -9.553  -1.794  3.065   1.00 37.06  ? 104 HOH A O     1 
HETATM 251 O  O     . HOH D 3 . ? -4.649  -7.637  -0.118  1.00 42.78  ? 105 HOH A O     1 
HETATM 252 O  O     . HOH D 3 . ? -7.583  5.332   -3.392  1.00 24.14  ? 106 HOH A O     1 
HETATM 253 O  O     . HOH D 3 . ? -12.481 4.292   -3.843  1.00 27.08  ? 107 HOH A O     1 
HETATM 254 O  O     . HOH D 3 . ? -12.562 3.528   -7.358  1.00 42.99  ? 108 HOH A O     1 
HETATM 255 O  O     . HOH D 3 . ? -3.634  4.060   5.632   1.00 59.92  ? 109 HOH A O     1 
HETATM 256 O  O     . HOH D 3 . ? 0.179   -8.507  9.062   1.00 15.50  ? 110 HOH A O     1 
HETATM 257 O  O     . HOH D 3 . ? -6.117  4.082   2.897   1.00 41.87  ? 111 HOH A O     1 
HETATM 258 O  O     . HOH D 3 . ? -10.374 0.942   0.646   1.00 39.30  ? 112 HOH A O     1 
HETATM 259 O  O     . HOH D 3 . ? -9.083  3.267   -2.288  1.00 17.56  ? 113 HOH A O     1 
HETATM 260 O  O     . HOH D 3 . ? -1.172  -1.592  -8.626  1.00 15.85  ? 114 HOH A O     1 
HETATM 261 O  O     . HOH D 3 . ? 0.983   0.104   11.788  1.00 25.26  ? 115 HOH A O     1 
HETATM 262 O  O     . HOH D 3 . ? -2.304  -8.187  -0.202  1.00 31.71  ? 116 HOH A O     1 
HETATM 263 O  O     . HOH D 3 . ? -12.450 1.149   -1.655  1.00 61.72  ? 117 HOH A O     1 
HETATM 264 O  O     . HOH D 3 . ? -1.749  -8.552  3.462   1.00 21.81  ? 118 HOH A O     1 
HETATM 265 O  O     . HOH D 3 . ? -3.564  -3.104  -9.703  1.00 18.81  ? 119 HOH A O     1 
HETATM 266 O  O     . HOH D 3 . ? -13.856 -0.217  -5.842  1.00 29.97  ? 120 HOH A O     1 
HETATM 267 O  O     . HOH D 3 . ? -3.981  -5.679  -2.300  1.00 30.51  ? 121 HOH A O     1 
HETATM 268 O  O     . HOH D 3 . ? -0.599  -2.499  12.133  1.00 33.94  ? 122 HOH A O     1 
HETATM 269 O  O     . HOH D 3 . ? -1.675  -4.927  -6.298  1.00 17.17  ? 123 HOH A O     1 
HETATM 270 O  O     . HOH D 3 . ? -9.073  -0.049  -11.041 1.00 21.69  ? 124 HOH A O     1 
HETATM 271 O  O     . HOH D 3 . ? 6.785   -1.491  5.791   1.00 31.43  ? 125 HOH A O     1 
HETATM 272 O  O     . HOH D 3 . ? -11.162 -4.021  -2.048  1.00 60.09  ? 126 HOH A O     1 
HETATM 273 O  O     . HOH D 3 . ? -0.124  2.001   10.125  1.00 39.00  ? 127 HOH A O     1 
HETATM 274 O  O     . HOH D 3 . ? 0.056   -7.723  11.763  1.00 21.00  ? 128 HOH A O     1 
HETATM 275 O  O     . HOH D 3 . ? 0.612   5.393   7.453   1.00 47.53  ? 129 HOH A O     1 
HETATM 276 O  O     . HOH D 3 . ? 7.300   0.848   7.679   1.00 45.68  ? 130 HOH A O     1 
HETATM 277 O  O     . HOH D 3 . ? -9.584  -5.368  -3.037  1.00 43.68  ? 131 HOH A O     1 
HETATM 278 O  O     . HOH D 3 . ? -0.745  -5.138  12.884  1.00 38.30  ? 132 HOH A O     1 
HETATM 279 O  O     . HOH D 3 . ? -6.305  2.166   6.808   1.00 38.76  ? 133 HOH A O     1 
HETATM 280 O  O     . HOH D 3 . ? -3.950  -9.691  2.119   1.00 43.39  ? 134 HOH A O     1 
HETATM 281 O  O     . HOH D 3 . ? -2.016  0.297   12.779  1.00 35.21  ? 135 HOH A O     1 
HETATM 282 O  O     . HOH D 3 . ? 2.920   5.543   6.423   1.00 75.79  ? 136 HOH A O     1 
HETATM 283 O  O     . HOH D 3 . ? -12.817 -2.494  -4.176  1.00 42.82  ? 137 HOH A O     1 
HETATM 284 O  O     . HOH D 3 . ? -6.690  -6.476  -0.718  1.00 52.04  ? 138 HOH A O     1 
HETATM 285 O  O     . HOH D 3 . ? -9.943  3.184   2.278   1.00 41.36  ? 139 HOH A O     1 
HETATM 286 O  O     . HOH D 3 . ? 0.730   -11.009 1.748   1.00 30.59  ? 140 HOH A O     1 
HETATM 287 O  O     . HOH D 3 . ? -14.555 3.077   -8.825  1.00 38.43  ? 141 HOH A O     1 
HETATM 288 O  O     . HOH D 3 . ? -7.174  1.620   -1.334  1.00 17.78  ? 142 HOH A O     1 
HETATM 289 O  O     . HOH D 3 . ? -6.022  3.397   0.572   1.00 28.36  ? 143 HOH A O     1 
HETATM 290 O  O     . HOH D 3 . ? -2.426  3.278   2.032   1.00 44.49  ? 144 HOH A O     1 
HETATM 291 O  O     . HOH D 3 . ? -1.031  0.745   3.782   1.00 24.42  ? 145 HOH A O     1 
HETATM 292 O  O     . HOH D 3 . ? 4.658   -1.159  3.530   1.00 36.63  ? 146 HOH A O     1 
HETATM 293 O  O     . HOH D 3 . ? 5.136   0.950   4.310   1.00 51.81  ? 147 HOH A O     1 
HETATM 294 O  O     . HOH D 3 . ? -0.654  1.977   0.530   1.00 49.63  ? 148 HOH A O     1 
HETATM 295 O  O     . HOH D 3 . ? 0.558   2.270   4.710   1.00 45.46  ? 149 HOH A O     1 
HETATM 296 O  O     . HOH D 3 . ? 1.821   4.588   4.218   1.00 47.35  ? 150 HOH A O     1 
HETATM 297 O  O     . HOH D 3 . ? -0.361  3.470   6.437   1.00 37.70  ? 151 HOH A O     1 
HETATM 298 O  O     . HOH E 3 . ? 8.073   2.299   1.782   1.00 21.81  ? 201 HOH B O     1 
HETATM 299 O  O     . HOH E 3 . ? 4.254   -10.956 0.022   1.00 41.66  ? 202 HOH B O     1 
HETATM 300 O  O     . HOH E 3 . ? 9.966   -1.297  -0.550  1.00 110.77 ? 203 HOH B O     1 
HETATM 301 O  O     . HOH E 3 . ? -2.732  15.637  -1.627  1.00 27.20  ? 204 HOH B O     1 
HETATM 302 O  O     . HOH E 3 . ? 10.398  -0.902  -5.753  1.00 27.07  ? 205 HOH B O     1 
HETATM 303 O  O     . HOH E 3 . ? 3.237   7.385   0.802   1.00 27.68  ? 206 HOH B O     1 
HETATM 304 O  O     . HOH E 3 . ? 7.470   -2.431  -7.634  1.00 21.29  ? 207 HOH B O     1 
HETATM 305 O  O     . HOH E 3 . ? 0.097   9.635   -8.406  1.00 13.61  ? 208 HOH B O     1 
HETATM 306 O  O     . HOH E 3 . ? 10.582  -9.850  -0.655  1.00 29.72  ? 209 HOH B O     1 
HETATM 307 O  O     . HOH E 3 . ? 5.953   9.686   -1.313  1.00 22.08  ? 210 HOH B O     1 
HETATM 308 O  O     . HOH E 3 . ? 3.551   -1.916  -6.156  1.00 14.46  ? 211 HOH B O     1 
HETATM 309 O  O     . HOH E 3 . ? 7.675   -3.990  4.030   1.00 29.17  ? 212 HOH B O     1 
HETATM 310 O  O     . HOH E 3 . ? 1.554   9.755   -5.627  1.00 14.22  ? 213 HOH B O     1 
HETATM 311 O  O     . HOH E 3 . ? 12.345  -4.654  2.375   1.00 27.18  ? 214 HOH B O     1 
HETATM 312 O  O     . HOH E 3 . ? 8.436   -11.170 0.883   1.00 31.94  ? 215 HOH B O     1 
HETATM 313 O  O     . HOH E 3 . ? 1.530   7.845   4.084   1.00 52.76  ? 216 HOH B O     1 
HETATM 314 O  O     . HOH E 3 . ? 2.612   -10.110 -2.764  1.00 47.42  ? 217 HOH B O     1 
HETATM 315 O  O     . HOH E 3 . ? 5.643   6.541   2.118   1.00 44.99  ? 218 HOH B O     1 
HETATM 316 O  O     . HOH E 3 . ? 13.323  -7.229  -0.917  1.00 30.73  ? 219 HOH B O     1 
HETATM 317 O  O     . HOH E 3 . ? -4.931  8.713   3.503   1.00 64.69  ? 220 HOH B O     1 
HETATM 318 O  O     . HOH E 3 . ? -0.231  -8.112  -2.238  1.00 48.88  ? 221 HOH B O     1 
HETATM 319 O  O     . HOH E 3 . ? 8.870   -2.912  1.881   1.00 19.54  ? 222 HOH B O     1 
HETATM 320 O  O     . HOH E 3 . ? 11.025  -8.542  2.157   1.00 36.12  ? 223 HOH B O     1 
HETATM 321 O  O     . HOH E 3 . ? 2.273   -9.840  -0.079  1.00 32.52  ? 224 HOH B O     1 
HETATM 322 O  O     . HOH E 3 . ? 11.329  -2.732  -1.713  1.00 41.81  ? 225 HOH B O     1 
HETATM 323 O  O     . HOH E 3 . ? -4.930  6.028   2.605   1.00 54.05  ? 226 HOH B O     1 
HETATM 324 O  O     . HOH E 3 . ? 6.663   2.936   3.478   1.00 28.76  ? 227 HOH B O     1 
HETATM 325 O  O     . HOH E 3 . ? 6.850   0.372   1.843   1.00 25.75  ? 228 HOH B O     1 
HETATM 326 O  O     . HOH E 3 . ? -5.142  7.470   -0.433  1.00 27.95  ? 229 HOH B O     1 
HETATM 327 O  O     . HOH E 3 . ? -0.821  -9.814  -0.810  1.00 47.85  ? 230 HOH B O     1 
HETATM 328 O  O     . HOH E 3 . ? 13.132  -7.637  2.248   1.00 41.09  ? 231 HOH B O     1 
HETATM 329 O  O     . HOH E 3 . ? -6.761  5.892   -0.853  1.00 37.57  ? 232 HOH B O     1 
HETATM 330 O  O     . HOH E 3 . ? -1.067  7.939   5.750   1.00 71.19  ? 233 HOH B O     1 
HETATM 331 O  O     . HOH E 3 . ? 7.154   5.151   3.773   1.00 57.07  ? 234 HOH B O     1 
HETATM 332 O  O     . HOH E 3 . ? 14.054  -2.968  1.358   1.00 49.02  ? 235 HOH B O     1 
HETATM 333 O  O     . HOH E 3 . ? -3.246  6.319   5.811   1.00 48.87  ? 236 HOH B O     1 
HETATM 334 O  O     . HOH E 3 . ? 4.255   6.287   4.705   1.00 74.32  ? 237 HOH B O     1 
HETATM 335 O  O     . HOH E 3 . ? -3.329  -6.169  -4.663  1.00 27.46  ? 238 HOH B O     1 
HETATM 336 O  O     . HOH E 3 . ? 1.438   3.854   0.096   1.00 19.34  ? 239 HOH B O     1 
HETATM 337 O  O     . HOH E 3 . ? 7.012   -1.813  0.296   1.00 24.50  ? 240 HOH B O     1 
HETATM 338 O  O     . HOH E 3 . ? 1.294   1.122   1.405   1.00 32.37  ? 241 HOH B O     1 
HETATM 339 O  O     . HOH E 3 . ? 0.316   5.228   2.213   1.00 41.55  ? 242 HOH B O     1 
HETATM 340 O  O     . HOH E 3 . ? 3.336   3.447   2.920   1.00 46.61  ? 243 HOH B O     1 
HETATM 341 O  O     . HOH E 3 . ? -4.438  4.727   -0.960  1.00 47.60  ? 244 HOH B O     1 
HETATM 342 O  O     . HOH E 3 . ? -1.253  5.162   3.920   1.00 51.40  ? 245 HOH B O     1 
HETATM 343 O  O     . HOH E 3 . ? 2.850   -0.223  2.485   1.00 45.21  ? 246 HOH B O     1 
HETATM 344 O  O     . HOH E 3 . ? -2.699  3.410   -0.247  1.00 39.32  ? 247 HOH B O     1 
# 
loop_
_atom_site_anisotrop.id 
_atom_site_anisotrop.type_symbol 
_atom_site_anisotrop.pdbx_label_atom_id 
_atom_site_anisotrop.pdbx_label_alt_id 
_atom_site_anisotrop.pdbx_label_comp_id 
_atom_site_anisotrop.pdbx_label_asym_id 
_atom_site_anisotrop.pdbx_label_seq_id 
_atom_site_anisotrop.pdbx_PDB_ins_code 
_atom_site_anisotrop.U[1][1] 
_atom_site_anisotrop.U[2][2] 
_atom_site_anisotrop.U[3][3] 
_atom_site_anisotrop.U[1][2] 
_atom_site_anisotrop.U[1][3] 
_atom_site_anisotrop.U[2][3] 
_atom_site_anisotrop.pdbx_auth_seq_id 
_atom_site_anisotrop.pdbx_auth_comp_id 
_atom_site_anisotrop.pdbx_auth_asym_id 
_atom_site_anisotrop.pdbx_auth_atom_id 
1   O  "O5'" . DC  A 1 ? 0.1645 0.2608 0.1253 0.0030  0.0246  -0.0120 1   DC  A "O5'" 
2   C  "C5'" . DC  A 1 ? 0.2091 0.2448 0.1216 0.0120  0.0263  -0.0213 1   DC  A "C5'" 
3   C  "C4'" . DC  A 1 ? 0.1874 0.2169 0.1240 0.0042  0.0251  -0.0091 1   DC  A "C4'" 
4   O  "O4'" . DC  A 1 ? 0.1896 0.2067 0.1229 0.0084  0.0182  0.0017  1   DC  A "O4'" 
5   C  "C3'" . DC  A 1 ? 0.1819 0.2215 0.1632 0.0034  0.0318  -0.0061 1   DC  A "C3'" 
6   O  "O3'" . DC  A 1 ? 0.2016 0.2249 0.1711 0.0076  0.0469  -0.0016 1   DC  A "O3'" 
7   C  "C2'" . DC  A 1 ? 0.1714 0.2177 0.1599 0.0076  0.0194  0.0049  1   DC  A "C2'" 
8   C  "C1'" . DC  A 1 ? 0.1720 0.2065 0.1486 0.0120  0.0246  -0.0016 1   DC  A "C1'" 
9   N  N1    . DC  A 1 ? 0.1642 0.2024 0.1464 0.0158  0.0247  -0.0030 1   DC  A N1    
10  C  C2    . DC  A 1 ? 0.1466 0.1861 0.1367 0.0344  0.0029  0.0149  1   DC  A C2    
11  O  O2    . DC  A 1 ? 0.1931 0.2236 0.1685 0.0076  0.0332  -0.0232 1   DC  A O2    
12  N  N3    . DC  A 1 ? 0.1551 0.2023 0.1432 0.0193  0.0087  0.0048  1   DC  A N3    
13  C  C4    . DC  A 1 ? 0.1284 0.1969 0.1275 0.0318  -0.0112 0.0155  1   DC  A C4    
14  N  N4    . DC  A 1 ? 0.1452 0.2166 0.1518 0.0190  0.0039  0.0256  1   DC  A N4    
15  C  C5    . DC  A 1 ? 0.1580 0.2103 0.1323 0.0150  0.0129  0.0045  1   DC  A C5    
16  C  C6    . DC  A 1 ? 0.1737 0.2062 0.1544 0.0101  0.0315  -0.0043 1   DC  A C6    
17  P  P     . BGM A 2 ? 0.1939 0.2251 0.1808 0.0109  0.0378  0.0127  2   BGM A P     
18  O  OP1   . BGM A 2 ? 0.2187 0.2529 0.1910 0.0004  0.0162  0.0223  2   BGM A OP1   
19  O  OP2   . BGM A 2 ? 0.2192 0.2227 0.1732 0.0187  0.0507  0.0228  2   BGM A OP2   
20  O  "O5'" . BGM A 2 ? 0.1715 0.2274 0.1609 0.0049  0.0425  0.0115  2   BGM A "O5'" 
21  C  "C5'" . BGM A 2 ? 0.2053 0.2372 0.1658 0.0276  0.0278  -0.0016 2   BGM A "C5'" 
22  C  "C4'" . BGM A 2 ? 0.1902 0.2327 0.1757 0.0155  0.0280  0.0030  2   BGM A "C4'" 
23  O  "O4'" . BGM A 2 ? 0.1750 0.2217 0.1755 0.0071  0.0245  -0.0050 2   BGM A "O4'" 
24  C  "C1'" . BGM A 2 ? 0.1685 0.2275 0.1906 0.0045  0.0185  0.0032  2   BGM A "C1'" 
25  N  N9    . BGM A 2 ? 0.1673 0.2175 0.1839 0.0040  0.0148  -0.0054 2   BGM A N9    
26  C  C8    . BGM A 2 ? 0.1883 0.2445 0.1970 -0.0193 0.0286  -0.0304 2   BGM A C8    
27  N  N7    . BGM A 2 ? 0.1884 0.2515 0.1915 -0.0239 0.0286  -0.0316 2   BGM A N7    
28  C  C5    . BGM A 2 ? 0.1467 0.2078 0.1375 0.0218  -0.0138 0.0160  2   BGM A C5    
29  C  C4    . BGM A 2 ? 0.1798 0.2251 0.1756 -0.0035 0.0190  -0.0089 2   BGM A C4    
30  N  N3    . BGM A 2 ? 0.1562 0.2155 0.1533 0.0077  0.0026  0.0062  2   BGM A N3    
31  C  C2    . BGM A 2 ? 0.1510 0.2091 0.1372 0.0130  -0.0034 0.0135  2   BGM A C2    
32  N  N2    . BGM A 2 ? 0.1440 0.2057 0.1284 0.0214  -0.0099 0.0195  2   BGM A N2    
33  N  N1    . BGM A 2 ? 0.1390 0.1960 0.1243 0.0322  -0.0155 0.0267  2   BGM A N1    
34  C  C6    . BGM A 2 ? 0.1500 0.2089 0.1303 0.0215  -0.0118 0.0153  2   BGM A C6    
35  O  O6    . BGM A 2 ? 0.1723 0.2046 0.1642 0.0218  0.0178  0.0122  2   BGM A O6    
36  C  "C2'" . BGM A 2 ? 0.1859 0.2335 0.1916 0.0040  0.0137  0.0052  2   BGM A "C2'" 
37  C  "C3'" . BGM A 2 ? 0.1937 0.2407 0.1836 0.0150  0.0240  0.0156  2   BGM A "C3'" 
38  O  "O3'" . BGM A 2 ? 0.2070 0.2914 0.2000 0.0141  0.0314  0.0437  2   BGM A "O3'" 
39  BR BR    . BGM A 2 ? 0.2942 0.2789 0.2816 -0.0788 0.0892  -0.0835 2   BGM A BR    
40  P  P     . DC  A 3 ? 0.2046 0.2967 0.1987 0.0117  0.0379  0.0410  3   DC  A P     
41  O  OP1   . DC  A 3 ? 0.1941 0.3342 0.2063 -0.0111 0.0148  0.0670  3   DC  A OP1   
42  O  OP2   . DC  A 3 ? 0.2228 0.2930 0.2404 0.0161  0.0473  0.0328  3   DC  A OP2   
43  O  "O5'" . DC  A 3 ? 0.2042 0.2746 0.1908 0.0058  0.0361  0.0421  3   DC  A "O5'" 
44  C  "C5'" . DC  A 3 ? 0.1904 0.2157 0.1664 0.0324  0.0618  0.0235  3   DC  A "C5'" 
45  C  "C4'" . DC  A 3 ? 0.1817 0.1996 0.1558 0.0434  0.0442  0.0502  3   DC  A "C4'" 
46  O  "O4'" . DC  A 3 ? 0.1839 0.1949 0.1677 0.0473  0.0481  0.0556  3   DC  A "O4'" 
47  C  "C3'" . DC  A 3 ? 0.2122 0.2002 0.1453 0.0546  0.0510  0.0451  3   DC  A "C3'" 
48  O  "O3'" . DC  A 3 ? 0.3740 0.2252 0.1640 0.0166  0.0231  0.0285  3   DC  A "O3'" 
49  C  "C2'" . DC  A 3 ? 0.1804 0.1885 0.1450 0.0385  0.0361  0.0418  3   DC  A "C2'" 
50  C  "C1'" . DC  A 3 ? 0.1855 0.1851 0.1325 0.0380  0.0336  0.0352  3   DC  A "C1'" 
51  N  N1    . DC  A 3 ? 0.1585 0.1700 0.1325 0.0197  0.0214  0.0275  3   DC  A N1    
52  C  C2    . DC  A 3 ? 0.1789 0.1900 0.1295 -0.0030 0.0287  0.0049  3   DC  A C2    
53  O  O2    . DC  A 3 ? 0.1888 0.1923 0.1303 -0.0081 0.0367  -0.0004 3   DC  A O2    
54  N  N3    . DC  A 3 ? 0.1640 0.1775 0.1248 -0.0067 0.0199  0.0058  3   DC  A N3    
55  C  C4    . DC  A 3 ? 0.1662 0.1877 0.1441 -0.0151 0.0335  -0.0065 3   DC  A C4    
56  N  N4    . DC  A 3 ? 0.2113 0.2555 0.1666 -0.0677 0.0629  -0.0486 3   DC  A N4    
57  C  C5    . DC  A 3 ? 0.1511 0.1844 0.1553 -0.0002 0.0283  0.0091  3   DC  A C5    
58  C  C6    . DC  A 3 ? 0.1185 0.1562 0.1361 0.0471  0.0048  0.0362  3   DC  A C6    
59  P  P     . DG  A 4 ? 0.4386 0.2381 0.1587 0.0624  0.0288  0.0315  4   DG  A P     
60  O  OP1   . DG  A 4 ? 0.4258 0.3060 0.2103 0.0772  0.0585  0.0885  4   DG  A OP1   
61  O  OP2   . DG  A 4 ? 0.4795 0.2660 0.1524 0.0207  0.0459  0.0254  4   DG  A OP2   
62  O  "O5'" . DG  A 4 ? 0.3657 0.2533 0.1817 0.0492  0.0265  0.0430  4   DG  A "O5'" 
63  C  "C5'" . DG  A 4 ? 0.3444 0.2138 0.2614 -0.0112 -0.0071 0.0659  4   DG  A "C5'" 
64  C  "C4'" . DG  A 4 ? 0.2675 0.2084 0.2141 0.0086  0.0072  0.0393  4   DG  A "C4'" 
65  O  "O4'" . DG  A 4 ? 0.2114 0.2117 0.1804 0.0063  0.0387  0.0535  4   DG  A "O4'" 
66  C  "C3'" . DG  A 4 ? 0.2562 0.2087 0.2074 0.0032  0.0101  0.0316  4   DG  A "C3'" 
67  O  "O3'" . DG  A 4 ? 0.2165 0.2434 0.2049 0.0115  0.0220  0.0196  4   DG  A "O3'" 
68  C  "C2'" . DG  A 4 ? 0.2317 0.2046 0.1839 -0.0010 0.0082  0.0439  4   DG  A "C2'" 
69  C  "C1'" . DG  A 4 ? 0.2052 0.2045 0.1643 -0.0013 0.0317  0.0539  4   DG  A "C1'" 
70  N  N9    . DG  A 4 ? 0.1704 0.1954 0.1741 -0.0226 0.0287  0.0474  4   DG  A N9    
71  C  C8    . DG  A 4 ? 0.1776 0.1894 0.1641 -0.0241 0.0199  0.0572  4   DG  A C8    
72  N  N7    . DG  A 4 ? 0.1838 0.1955 0.1675 -0.0326 0.0213  0.0497  4   DG  A N7    
73  C  C5    . DG  A 4 ? 0.1648 0.1758 0.1571 -0.0138 0.0158  0.0496  4   DG  A C5    
74  C  C6    . DG  A 4 ? 0.1792 0.1691 0.1544 -0.0236 0.0210  0.0419  4   DG  A C6    
75  O  O6    . DG  A 4 ? 0.2144 0.1951 0.1724 -0.0367 0.0399  0.0188  4   DG  A O6    
76  N  N1    . DG  A 4 ? 0.1577 0.1649 0.1548 -0.0062 0.0203  0.0396  4   DG  A N1    
77  C  C2    . DG  A 4 ? 0.1264 0.1694 0.1539 -0.0002 0.0162  0.0371  4   DG  A C2    
78  N  N2    . DG  A 4 ? 0.1393 0.1905 0.1646 -0.0182 0.0360  0.0226  4   DG  A N2    
79  N  N3    . DG  A 4 ? 0.1533 0.1929 0.1612 -0.0193 0.0306  0.0339  4   DG  A N3    
80  C  C4    . DG  A 4 ? 0.1704 0.1928 0.1593 -0.0262 0.0224  0.0440  4   DG  A C4    
81  P  P     . DC  A 5 ? 0.2353 0.2428 0.2328 0.0018  0.0195  0.0027  5   DC  A P     
82  O  OP1   . DC  A 5 ? 0.2203 0.3079 0.2309 0.0291  0.0153  -0.0048 5   DC  A OP1   
83  O  OP2   . DC  A 5 ? 0.2373 0.2569 0.3238 -0.0015 -0.0174 0.0416  5   DC  A OP2   
84  O  "O5'" . DC  A 5 ? 0.2251 0.2425 0.1688 -0.0020 0.0001  0.0207  5   DC  A "O5'" 
85  C  "C5'" . DC  A 5 ? 0.2354 0.2397 0.1421 -0.0147 0.0045  0.0274  5   DC  A "C5'" 
86  C  "C4'" . DC  A 5 ? 0.2291 0.2541 0.1196 -0.0127 -0.0060 0.0272  5   DC  A "C4'" 
87  O  "O4'" . DC  A 5 ? 0.2429 0.2568 0.1159 -0.0057 -0.0146 0.0278  5   DC  A "O4'" 
88  C  "C3'" . DC  A 5 ? 0.2556 0.2574 0.1270 -0.0094 0.0007  0.0339  5   DC  A "C3'" 
89  O  "O3'" . DC  A 5 ? 0.3093 0.3185 0.1509 -0.0754 -0.0167 0.0535  5   DC  A "O3'" 
90  C  "C2'" . DC  A 5 ? 0.2067 0.2622 0.1184 -0.0036 0.0080  0.0371  5   DC  A "C2'" 
91  C  "C1'" . DC  A 5 ? 0.2293 0.2632 0.1155 -0.0005 -0.0159 0.0294  5   DC  A "C1'" 
92  N  N1    . DC  A 5 ? 0.2054 0.2704 0.1205 0.0069  -0.0095 0.0194  5   DC  A N1    
93  C  C2    . DC  A 5 ? 0.1799 0.2618 0.1212 0.0199  -0.0165 0.0248  5   DC  A C2    
94  O  O2    . DC  A 5 ? 0.2210 0.2861 0.1727 -0.0134 0.0309  -0.0076 5   DC  A O2    
95  N  N3    . DC  A 5 ? 0.2033 0.2660 0.1149 0.0061  -0.0056 0.0243  5   DC  A N3    
96  C  C4    . DC  A 5 ? 0.1922 0.2395 0.1194 0.0271  -0.0034 0.0244  5   DC  A C4    
97  N  N4    . DC  A 5 ? 0.1532 0.2310 0.1163 0.0448  -0.0028 0.0238  5   DC  A N4    
98  C  C5    . DC  A 5 ? 0.2060 0.2497 0.1231 0.0174  0.0045  0.0143  5   DC  A C5    
99  C  C6    . DC  A 5 ? 0.1906 0.2460 0.1280 0.0261  -0.0075 0.0177  5   DC  A C6    
100 P  P     . DG  A 6 ? 0.3317 0.3324 0.2145 -0.0763 -0.0417 0.0254  6   DG  A P     
101 O  OP1   . DG  A 6 ? 0.3689 0.3556 0.2452 -0.0362 -0.0371 0.0257  6   DG  A OP1   
102 O  OP2   . DG  A 6 ? 0.3741 0.3682 0.2345 -0.1147 -0.0137 0.0027  6   DG  A OP2   
103 O  "O5'" . DG  A 6 ? 0.3267 0.3224 0.1982 -0.0417 -0.0281 -0.0008 6   DG  A "O5'" 
104 C  "C5'" . DG  A 6 ? 0.3317 0.3299 0.2137 -0.0304 -0.0276 -0.0001 6   DG  A "C5'" 
105 C  "C4'" . DG  A 6 ? 0.2953 0.3057 0.2075 -0.0008 -0.0074 -0.0135 6   DG  A "C4'" 
106 O  "O4'" . DG  A 6 ? 0.2770 0.2722 0.1942 0.0204  -0.0112 -0.0271 6   DG  A "O4'" 
107 C  "C3'" . DG  A 6 ? 0.2853 0.3229 0.2397 -0.0018 -0.0025 -0.0063 6   DG  A "C3'" 
108 O  "O3'" . DG  A 6 ? 0.3059 0.3305 0.3135 -0.0180 -0.0324 0.0048  6   DG  A "O3'" 
109 C  "C2'" . DG  A 6 ? 0.2607 0.3007 0.1981 0.0126  -0.0059 -0.0341 6   DG  A "C2'" 
110 C  "C1'" . DG  A 6 ? 0.2607 0.2806 0.1928 0.0233  -0.0050 -0.0247 6   DG  A "C1'" 
111 N  N9    . DG  A 6 ? 0.2075 0.2707 0.1577 0.0401  0.0172  -0.0125 6   DG  A N9    
112 C  C8    . DG  A 6 ? 0.1995 0.2759 0.1344 0.0449  0.0001  0.0037  6   DG  A C8    
113 N  N7    . DG  A 6 ? 0.2121 0.2774 0.1266 0.0270  0.0109  0.0115  6   DG  A N7    
114 C  C5    . DG  A 6 ? 0.2159 0.2400 0.1390 0.0315  0.0202  0.0131  6   DG  A C5    
115 C  C6    . DG  A 6 ? 0.1475 0.1868 0.1203 0.0702  -0.0044 0.0472  6   DG  A C6    
116 O  O6    . DG  A 6 ? 0.2175 0.2465 0.1851 0.0002  0.0671  -0.0126 6   DG  A O6    
117 N  N1    . DG  A 6 ? 0.1796 0.2175 0.1329 0.0300  0.0104  0.0267  6   DG  A N1    
118 C  C2    . DG  A 6 ? 0.1890 0.2196 0.1516 0.0256  0.0225  0.0113  6   DG  A C2    
119 N  N2    . DG  A 6 ? 0.1929 0.2324 0.1513 0.0066  0.0252  -0.0054 6   DG  A N2    
120 N  N3    . DG  A 6 ? 0.1811 0.2150 0.1476 0.0529  0.0053  0.0153  6   DG  A N3    
121 C  C4    . DG  A 6 ? 0.1984 0.2354 0.1495 0.0435  0.0140  0.0091  6   DG  A C4    
122 O  "O5'" . DC  B 1 ? 0.4369 0.3119 0.1876 0.0454  0.0111  0.0198  1   DC  B "O5'" 
123 C  "C5'" . DC  B 1 ? 0.2821 0.2961 0.1716 0.0646  -0.0084 0.0089  1   DC  B "C5'" 
124 C  "C4'" . DC  B 1 ? 0.2536 0.3023 0.1540 0.0694  -0.0071 0.0122  1   DC  B "C4'" 
125 O  "O4'" . DC  B 1 ? 0.2465 0.2969 0.1402 0.0670  -0.0128 0.0175  1   DC  B "O4'" 
126 C  "C3'" . DC  B 1 ? 0.2453 0.2900 0.1562 0.0708  -0.0036 0.0162  1   DC  B "C3'" 
127 O  "O3'" . DC  B 1 ? 0.2398 0.2886 0.1682 0.0734  0.0085  0.0073  1   DC  B "O3'" 
128 C  "C2'" . DC  B 1 ? 0.2315 0.2943 0.1496 0.0718  -0.0107 0.0163  1   DC  B "C2'" 
129 C  "C1'" . DC  B 1 ? 0.2303 0.2789 0.1466 0.0623  -0.0126 0.0180  1   DC  B "C1'" 
130 N  N1    . DC  B 1 ? 0.2308 0.2527 0.1484 0.0595  -0.0090 0.0036  1   DC  B N1    
131 C  C2    . DC  B 1 ? 0.2162 0.2486 0.1479 0.0602  -0.0122 0.0073  1   DC  B C2    
132 O  O2    . DC  B 1 ? 0.2135 0.2558 0.1543 0.0594  -0.0104 0.0004  1   DC  B O2    
133 N  N3    . DC  B 1 ? 0.2186 0.2305 0.1566 0.0680  -0.0059 0.0086  1   DC  B N3    
134 C  C4    . DC  B 1 ? 0.2120 0.2259 0.1700 0.0735  -0.0100 0.0079  1   DC  B C4    
135 N  N4    . DC  B 1 ? 0.2624 0.2541 0.1863 0.0355  0.0165  -0.0006 1   DC  B N4    
136 C  C5    . DC  B 1 ? 0.2237 0.2278 0.1667 0.0753  -0.0150 0.0089  1   DC  B C5    
137 C  C6    . DC  B 1 ? 0.2193 0.2402 0.1599 0.0729  -0.0197 0.0059  1   DC  B C6    
138 P  P     . BGM B 2 ? 0.2186 0.2676 0.1684 0.0883  -0.0024 0.0022  2   BGM B P     
139 O  OP1   . BGM B 2 ? 0.2421 0.2722 0.1787 0.1015  -0.0026 0.0155  2   BGM B OP1   
140 O  OP2   . BGM B 2 ? 0.2435 0.2867 0.1623 0.0660  0.0120  -0.0052 2   BGM B OP2   
141 O  "O5'" . BGM B 2 ? 0.2102 0.2521 0.1677 0.0868  0.0056  0.0077  2   BGM B "O5'" 
142 C  "C5'" . BGM B 2 ? 0.1766 0.2269 0.1554 0.0596  0.0062  -0.0050 2   BGM B "C5'" 
143 C  "C4'" . BGM B 2 ? 0.1547 0.2094 0.1495 0.0439  0.0204  0.0051  2   BGM B "C4'" 
144 O  "O4'" . BGM B 2 ? 0.1765 0.2042 0.1391 0.0380  0.0085  0.0178  2   BGM B "O4'" 
145 C  "C1'" . BGM B 2 ? 0.1809 0.2051 0.1582 0.0297  -0.0001 0.0304  2   BGM B "C1'" 
146 N  N9    . BGM B 2 ? 0.1765 0.1841 0.1399 0.0331  -0.0042 0.0130  2   BGM B N9    
147 C  C8    . BGM B 2 ? 0.1885 0.1893 0.1645 0.0253  0.0036  0.0023  2   BGM B C8    
148 N  N7    . BGM B 2 ? 0.2224 0.2112 0.1773 -0.0016 0.0233  -0.0065 2   BGM B N7    
149 C  C5    . BGM B 2 ? 0.1675 0.1714 0.1499 0.0426  -0.0085 0.0258  2   BGM B C5    
150 C  C4    . BGM B 2 ? 0.1768 0.1731 0.1449 0.0383  -0.0023 0.0174  2   BGM B C4    
151 N  N3    . BGM B 2 ? 0.1858 0.1754 0.1369 0.0305  0.0049  0.0148  2   BGM B N3    
152 C  C2    . BGM B 2 ? 0.2108 0.2055 0.1526 0.0156  0.0241  0.0030  2   BGM B C2    
153 N  N2    . BGM B 2 ? 0.1975 0.1827 0.1256 0.0356  0.0140  0.0231  2   BGM B N2    
154 N  N1    . BGM B 2 ? 0.2315 0.2266 0.1649 -0.0035 0.0319  0.0024  2   BGM B N1    
155 C  C6    . BGM B 2 ? 0.2234 0.2196 0.1651 0.0007  0.0226  0.0069  2   BGM B C6    
156 O  O6    . BGM B 2 ? 0.2238 0.2328 0.1830 -0.0017 0.0248  0.0181  2   BGM B O6    
157 C  "C2'" . BGM B 2 ? 0.1660 0.2015 0.1821 0.0367  0.0046  0.0294  2   BGM B "C2'" 
158 C  "C3'" . BGM B 2 ? 0.1520 0.2102 0.1784 0.0380  0.0151  0.0189  2   BGM B "C3'" 
159 O  "O3'" . BGM B 2 ? 0.1511 0.2196 0.1805 0.0358  0.0302  0.0208  2   BGM B "O3'" 
160 BR BR    . BGM B 2 ? 0.2199 0.2266 0.2006 0.0161  0.0048  -0.0355 2   BGM B BR    
161 P  P     A DC  B 3 ? 0.1689 0.2128 0.1524 0.0263  0.0208  0.0062  3   DC  B P     
162 P  P     B DC  B 3 ? 0.1748 0.2214 0.1914 0.0315  0.0253  0.0199  3   DC  B P     
163 O  OP1   A DC  B 3 ? 0.1606 0.2109 0.1679 0.0394  0.0160  0.0037  3   DC  B OP1   
164 O  OP1   B DC  B 3 ? 0.1649 0.2211 0.2016 0.0380  0.0314  0.0253  3   DC  B OP1   
165 O  OP2   A DC  B 3 ? 0.1613 0.2271 0.1534 0.0252  0.0216  0.0166  3   DC  B OP2   
166 O  OP2   B DC  B 3 ? 0.1867 0.2295 0.1918 0.0328  0.0180  0.0182  3   DC  B OP2   
167 O  "O5'" . DC  B 3 ? 0.1730 0.2145 0.1616 0.0311  0.0320  0.0145  3   DC  B "O5'" 
168 C  "C5'" . DC  B 3 ? 0.1590 0.2129 0.1569 0.0215  0.0401  0.0240  3   DC  B "C5'" 
169 C  "C4'" . DC  B 3 ? 0.1650 0.1900 0.1350 0.0182  0.0367  0.0380  3   DC  B "C4'" 
170 O  "O4'" . DC  B 3 ? 0.1593 0.1830 0.1304 0.0268  0.0350  0.0401  3   DC  B "O4'" 
171 C  "C3'" . DC  B 3 ? 0.1909 0.1890 0.1418 0.0017  0.0218  0.0417  3   DC  B "C3'" 
172 O  "O3'" . DC  B 3 ? 0.2395 0.1957 0.1406 0.0075  0.0200  0.0330  3   DC  B "O3'" 
173 C  "C2'" . DC  B 3 ? 0.1647 0.1956 0.1390 0.0043  0.0209  0.0470  3   DC  B "C2'" 
174 C  "C1'" . DC  B 3 ? 0.1657 0.1956 0.1292 0.0135  0.0277  0.0470  3   DC  B "C1'" 
175 N  N1    . DC  B 3 ? 0.1449 0.1864 0.1467 0.0268  0.0085  0.0556  3   DC  B N1    
176 C  C2    . DC  B 3 ? 0.1423 0.1928 0.1581 0.0262  0.0094  0.0622  3   DC  B C2    
177 O  O2    . DC  B 3 ? 0.1870 0.2138 0.1601 -0.0106 0.0321  0.0532  3   DC  B O2    
178 N  N3    . DC  B 3 ? 0.1488 0.1946 0.1665 0.0218  0.0026  0.0637  3   DC  B N3    
179 C  C4    . DC  B 3 ? 0.1518 0.1839 0.1575 0.0365  -0.0112 0.0714  3   DC  B C4    
180 N  N4    . DC  B 3 ? 0.1736 0.1816 0.1606 0.0284  -0.0249 0.0830  3   DC  B N4    
181 C  C5    . DC  B 3 ? 0.2020 0.2006 0.1714 0.0002  0.0182  0.0432  3   DC  B C5    
182 C  C6    . DC  B 3 ? 0.1692 0.1962 0.1578 0.0175  0.0118  0.0413  3   DC  B C6    
183 P  P     . DG  B 4 ? 0.2336 0.1952 0.1500 0.0095  0.0055  0.0319  4   DG  B P     
184 O  OP1   . DG  B 4 ? 0.2417 0.2190 0.1685 0.0122  -0.0032 0.0445  4   DG  B OP1   
185 O  OP2   . DG  B 4 ? 0.2588 0.2236 0.1586 0.0100  0.0221  0.0098  4   DG  B OP2   
186 O  "O5'" . DG  B 4 ? 0.2073 0.1688 0.1369 0.0100  0.0067  0.0141  4   DG  B "O5'" 
187 C  "C5'" . DG  B 4 ? 0.2064 0.1307 0.1394 0.0020  0.0095  0.0078  4   DG  B "C5'" 
188 C  "C4'" . DG  B 4 ? 0.1948 0.1604 0.1440 0.0199  0.0151  0.0200  4   DG  B "C4'" 
189 O  "O4'" . DG  B 4 ? 0.1947 0.1724 0.1468 0.0253  0.0103  0.0133  4   DG  B "O4'" 
190 C  "C3'" . DG  B 4 ? 0.2011 0.1628 0.1493 0.0218  0.0118  0.0208  4   DG  B "C3'" 
191 O  "O3'" . DG  B 4 ? 0.1756 0.1632 0.1543 0.0235  0.0173  0.0208  4   DG  B "O3'" 
192 C  "C2'" . DG  B 4 ? 0.1822 0.1626 0.1443 0.0169  0.0189  0.0236  4   DG  B "C2'" 
193 C  "C1'" . DG  B 4 ? 0.1741 0.1653 0.1459 0.0171  0.0107  0.0176  4   DG  B "C1'" 
194 N  N9    . DG  B 4 ? 0.1718 0.1628 0.1311 0.0216  0.0271  0.0154  4   DG  B N9    
195 C  C8    . DG  B 4 ? 0.1664 0.1842 0.1426 0.0173  0.0275  0.0004  4   DG  B C8    
196 N  N7    . DG  B 4 ? 0.1557 0.1778 0.1432 0.0282  0.0285  -0.0041 4   DG  B N7    
197 C  C5    . DG  B 4 ? 0.1590 0.1659 0.1357 0.0255  0.0238  0.0019  4   DG  B C5    
198 C  C6    . DG  B 4 ? 0.1423 0.1509 0.1145 0.0404  0.0056  0.0143  4   DG  B C6    
199 O  O6    . DG  B 4 ? 0.1611 0.1668 0.1421 0.0272  0.0195  -0.0076 4   DG  B O6    
200 N  N1    . DG  B 4 ? 0.1318 0.1530 0.1147 0.0401  0.0029  0.0145  4   DG  B N1    
201 C  C2    . DG  B 4 ? 0.1649 0.1653 0.1234 0.0229  0.0220  0.0035  4   DG  B C2    
202 N  N2    . DG  B 4 ? 0.1899 0.1599 0.1291 0.0254  0.0392  0.0108  4   DG  B N2    
203 N  N3    . DG  B 4 ? 0.1657 0.1675 0.1234 0.0205  0.0209  0.0059  4   DG  B N3    
204 C  C4    . DG  B 4 ? 0.1633 0.1580 0.1263 0.0269  0.0213  0.0094  4   DG  B C4    
205 P  P     . DC  B 5 ? 0.1790 0.1664 0.1579 0.0135  0.0297  0.0144  5   DC  B P     
206 O  OP1   . DC  B 5 ? 0.1763 0.1662 0.1425 0.0067  0.0227  0.0146  5   DC  B OP1   
207 O  OP2   . DC  B 5 ? 0.1861 0.1570 0.1637 0.0016  0.0228  0.0203  5   DC  B OP2   
208 O  "O5'" . DC  B 5 ? 0.1781 0.1614 0.1856 0.0097  0.0308  0.0180  5   DC  B "O5'" 
209 C  "C5'" . DC  B 5 ? 0.1763 0.1749 0.1537 0.0181  0.0275  0.0244  5   DC  B "C5'" 
210 C  "C4'" . DC  B 5 ? 0.1858 0.1937 0.1720 0.0035  0.0372  0.0141  5   DC  B "C4'" 
211 O  "O4'" . DC  B 5 ? 0.1672 0.1922 0.1697 0.0140  0.0376  0.0141  5   DC  B "O4'" 
212 C  "C3'" . DC  B 5 ? 0.2294 0.1909 0.1623 -0.0057 0.0383  0.0169  5   DC  B "C3'" 
213 O  "O3'" . DC  B 5 ? 0.3365 0.2444 0.2196 0.0040  0.1262  0.0128  5   DC  B "O3'" 
214 C  "C2'" . DC  B 5 ? 0.1753 0.1922 0.1679 -0.0022 0.0229  0.0169  5   DC  B "C2'" 
215 C  "C1'" . DC  B 5 ? 0.1548 0.1897 0.1658 0.0173  0.0390  0.0136  5   DC  B "C1'" 
216 N  N1    . DC  B 5 ? 0.1287 0.1864 0.1637 0.0337  0.0220  0.0177  5   DC  B N1    
217 C  C2    . DC  B 5 ? 0.1278 0.1836 0.1503 0.0396  0.0190  0.0174  5   DC  B C2    
218 O  O2    . DC  B 5 ? 0.1650 0.1900 0.1617 0.0095  0.0413  -0.0083 5   DC  B O2    
219 N  N3    . DC  B 5 ? 0.1612 0.1886 0.1541 0.0264  0.0382  0.0114  5   DC  B N3    
220 C  C4    . DC  B 5 ? 0.1563 0.2125 0.1529 0.0186  0.0351  0.0049  5   DC  B C4    
221 N  N4    . DC  B 5 ? 0.1541 0.2170 0.1417 0.0444  0.0164  0.0064  5   DC  B N4    
222 C  C5    . DC  B 5 ? 0.1564 0.2095 0.1586 0.0205  0.0323  0.0120  5   DC  B C5    
223 C  C6    . DC  B 5 ? 0.1518 0.2173 0.1616 0.0146  0.0337  0.0046  5   DC  B C6    
224 P  P     . DG  B 6 ? 0.4010 0.2949 0.2192 0.0082  0.1239  -0.0101 6   DG  B P     
225 O  OP1   . DG  B 6 ? 0.4257 0.2947 0.2474 0.0219  0.0905  -0.0153 6   DG  B OP1   
226 O  OP2   . DG  B 6 ? 0.4330 0.2991 0.2709 0.0012  0.1726  -0.0180 6   DG  B OP2   
227 O  "O5'" . DG  B 6 ? 0.3395 0.2852 0.2154 0.0147  0.1161  -0.0223 6   DG  B "O5'" 
228 C  "C5'" . DG  B 6 ? 0.3227 0.2923 0.2445 0.0022  0.1110  -0.0189 6   DG  B "C5'" 
229 C  "C4'" . DG  B 6 ? 0.2321 0.2853 0.1840 -0.0112 0.0437  -0.0408 6   DG  B "C4'" 
230 O  "O4'" . DG  B 6 ? 0.2065 0.2531 0.1844 -0.0240 0.0303  -0.0458 6   DG  B "O4'" 
231 C  "C3'" . DG  B 6 ? 0.2288 0.2942 0.1962 -0.0093 0.0419  -0.0504 6   DG  B "C3'" 
232 O  "O3'" . DG  B 6 ? 0.2586 0.2959 0.3116 0.0042  -0.0192 -0.0766 6   DG  B "O3'" 
233 C  "C2'" . DG  B 6 ? 0.2046 0.2749 0.1922 -0.0167 0.0500  -0.0323 6   DG  B "C2'" 
234 C  "C1'" . DG  B 6 ? 0.1997 0.2572 0.1859 -0.0247 0.0394  -0.0376 6   DG  B "C1'" 
235 N  N9    . DG  B 6 ? 0.1876 0.2233 0.1755 -0.0242 0.0368  -0.0157 6   DG  B N9    
236 C  C8    . DG  B 6 ? 0.1350 0.1939 0.1474 0.0170  -0.0011 0.0174  6   DG  B C8    
237 N  N7    . DG  B 6 ? 0.1802 0.2094 0.1575 -0.0135 0.0276  0.0054  6   DG  B N7    
238 C  C5    . DG  B 6 ? 0.1839 0.2138 0.1596 -0.0197 0.0352  -0.0010 6   DG  B C5    
239 C  C6    . DG  B 6 ? 0.1307 0.1827 0.1270 0.0205  0.0064  0.0303  6   DG  B C6    
240 O  O6    . DG  B 6 ? 0.1966 0.2126 0.1546 -0.0200 0.0502  0.0068  6   DG  B O6    
241 N  N1    . DG  B 6 ? 0.1640 0.1750 0.1527 0.0067  0.0424  0.0051  6   DG  B N1    
242 C  C2    . DG  B 6 ? 0.1604 0.2017 0.1516 -0.0066 0.0382  -0.0067 6   DG  B C2    
243 N  N2    . DG  B 6 ? 0.1547 0.2034 0.1431 -0.0070 0.0375  -0.0093 6   DG  B N2    
244 N  N3    . DG  B 6 ? 0.1630 0.1971 0.1581 -0.0019 0.0372  -0.0124 6   DG  B N3    
245 C  C4    . DG  B 6 ? 0.1390 0.1945 0.1442 0.0113  0.0080  0.0131  6   DG  B C4    
246 CU CU    . CU  C . ? 0.1655 0.1883 0.1602 0.0039  0.0198  0.0176  101 CU  B CU    
# 
